data_7FC3
#
_entry.id   7FC3
#
_cell.length_a   112.905
_cell.length_b   112.905
_cell.length_c   328.924
_cell.angle_alpha   90.000
_cell.angle_beta   90.000
_cell.angle_gamma   120.000
#
_symmetry.space_group_name_H-M   'P 61 2 2'
#
loop_
_entity.id
_entity.type
_entity.pdbx_description
1 polymer 'Spike protein S1'
2 polymer 'Angiotensin-converting enzyme'
3 branched alpha-L-fucopyranose-(1-6)-2-acetamido-2-deoxy-beta-D-glucopyranose
4 branched 2-acetamido-2-deoxy-beta-D-glucopyranose-(1-4)-2-acetamido-2-deoxy-beta-D-glucopyranose
5 non-polymer 2-acetamido-2-deoxy-beta-D-glucopyranose
#
loop_
_entity_poly.entity_id
_entity_poly.type
_entity_poly.pdbx_seq_one_letter_code
_entity_poly.pdbx_strand_id
1 'polypeptide(L)'
;QHTDINFTATASFGGSCYVCKPHQVNISLNGNTSVCVRTSHFSIRYIYNRVKSGSPGDSSWHIYLKSGTCPFSFSKLNNF
QKFKTICFSTVEVPGSCNFPLEATWHYTSYTIVGALYVTWSEGNSITGVPY
;
E
2 'polypeptide(L)'
;STTEDLAKTFLEKFNSEAEELSHQSSLASWSYNTNITDENVQKMNEAGARWSAFYEEQCKLAKTYPLEEIQNLTVKRQLQ
ALQQSGSSVLSADKSKRLNEILNTMSTIYSTGKVCNPSNPQECLLLEPGLDAIMENSKDYNQRLWAWEGWRSEVGKQLRP
LYEEYVVLKNEMARANNYEDYGDYWRGDYEAEGPSGYDYSRDQLIEDVERTFAEIKPLYEHLHAYVRAKLMDTYPSHINP
TGCLPAHLLGDMWGRFWTNLYSLTVPFGQKPNIDVTDAMVDQSWDAKRIFEEAEKFFVSVGLPNMTQGFWENSMLTEPGD
GRKVVCHPTAWDLGKGDFRIKMCTKVTMDDFLTAHHEMGHIQYDMAYAVQPYLLRNGANEGFHEAVGEIMSLSAATPNHL
KAIGLLPPDFYEDSETEINFLLKQALTIVGTLPFTYMLEKWRWMVFKGEIPKEEWMKKWWEMKREIVGVVEPVPHDETYC
DPAALFHVANDYSFIRYYTRTIYQFQFQEALCQTAKHEGPLHKCDISNSTEAGQKLLQMLSLGKSEPWTLALERIVGVKN
MDVRPLLNYFEPLFTWLKDQNKNSFVGWSTNWSPY
;
A
#
loop_
_chem_comp.id
_chem_comp.type
_chem_comp.name
_chem_comp.formula
FUC L-saccharide, alpha linking alpha-L-fucopyranose 'C6 H12 O5'
NAG D-saccharide, beta linking 2-acetamido-2-deoxy-beta-D-glucopyranose 'C8 H15 N O6'
#
# COMPACT_ATOMS: atom_id res chain seq x y z
N GLN A 1 -26.10 -54.78 -8.68
CA GLN A 1 -26.64 -53.42 -8.74
C GLN A 1 -25.48 -52.42 -9.08
N HIS A 2 -25.57 -51.14 -8.70
CA HIS A 2 -24.47 -50.20 -8.87
C HIS A 2 -24.39 -49.26 -7.69
N THR A 3 -23.20 -49.12 -7.12
CA THR A 3 -22.99 -48.27 -5.95
C THR A 3 -22.22 -46.98 -6.27
N ASP A 4 -22.78 -45.84 -5.84
CA ASP A 4 -22.05 -44.57 -5.82
C ASP A 4 -21.39 -44.35 -4.48
N ILE A 5 -20.18 -43.84 -4.51
CA ILE A 5 -19.42 -43.45 -3.34
C ILE A 5 -19.04 -41.98 -3.51
N ASN A 6 -19.64 -41.11 -2.70
CA ASN A 6 -19.17 -39.74 -2.64
C ASN A 6 -18.12 -39.63 -1.55
N PHE A 7 -16.93 -39.18 -1.91
CA PHE A 7 -15.85 -38.97 -0.96
C PHE A 7 -15.71 -37.47 -0.80
N THR A 8 -16.17 -36.96 0.34
CA THR A 8 -16.41 -35.55 0.57
C THR A 8 -15.48 -35.01 1.65
N ALA A 9 -14.86 -33.87 1.35
CA ALA A 9 -14.06 -33.11 2.31
C ALA A 9 -14.85 -31.84 2.57
N THR A 10 -15.22 -31.62 3.82
CA THR A 10 -15.87 -30.38 4.23
C THR A 10 -14.94 -29.65 5.17
N ALA A 11 -14.68 -28.37 4.89
CA ALA A 11 -13.68 -27.61 5.60
C ALA A 11 -14.22 -26.25 6.03
N SER A 12 -13.74 -25.81 7.18
CA SER A 12 -13.98 -24.48 7.75
C SER A 12 -12.64 -23.79 7.98
N PHE A 13 -12.56 -22.49 7.73
CA PHE A 13 -11.25 -21.87 7.55
C PHE A 13 -10.79 -20.79 8.53
N GLY A 14 -11.61 -20.31 9.45
CA GLY A 14 -11.13 -19.25 10.33
C GLY A 14 -9.90 -19.55 11.21
N GLY A 15 -9.99 -19.21 12.50
CA GLY A 15 -8.88 -19.45 13.41
C GLY A 15 -7.83 -18.35 13.40
N SER A 16 -6.71 -18.67 14.07
CA SER A 16 -5.59 -17.75 14.27
C SER A 16 -4.92 -17.31 12.97
N CYS A 17 -4.28 -18.25 12.27
CA CYS A 17 -3.66 -17.93 10.99
C CYS A 17 -4.59 -18.40 9.87
N TYR A 18 -5.56 -17.55 9.46
CA TYR A 18 -6.50 -17.91 8.38
C TYR A 18 -5.79 -18.54 7.19
N VAL A 19 -4.60 -18.02 6.85
CA VAL A 19 -3.92 -18.42 5.63
C VAL A 19 -3.11 -19.71 5.80
N CYS A 20 -2.73 -20.08 7.02
CA CYS A 20 -1.74 -21.12 7.17
C CYS A 20 -2.33 -22.54 6.98
N LYS A 21 -3.43 -22.85 7.65
CA LYS A 21 -4.09 -24.12 7.49
C LYS A 21 -5.60 -23.93 7.63
N PRO A 22 -6.40 -24.85 7.08
CA PRO A 22 -7.83 -24.83 7.40
C PRO A 22 -8.06 -25.17 8.86
N HIS A 23 -9.16 -24.63 9.41
CA HIS A 23 -9.51 -24.77 10.82
C HIS A 23 -9.89 -26.20 11.16
N GLN A 24 -10.86 -26.76 10.43
CA GLN A 24 -11.38 -28.12 10.62
C GLN A 24 -11.66 -28.64 9.22
N VAL A 25 -11.37 -29.93 8.99
CA VAL A 25 -11.69 -30.55 7.70
C VAL A 25 -12.18 -31.99 7.88
N ASN A 26 -13.51 -32.16 7.87
CA ASN A 26 -14.14 -33.46 8.01
C ASN A 26 -14.15 -34.20 6.67
N ILE A 27 -13.92 -35.50 6.74
CA ILE A 27 -13.67 -36.36 5.59
C ILE A 27 -14.64 -37.54 5.69
N SER A 28 -15.28 -37.90 4.59
CA SER A 28 -16.37 -38.86 4.68
C SER A 28 -16.60 -39.68 3.42
N LEU A 29 -16.65 -41.01 3.56
CA LEU A 29 -17.03 -41.91 2.47
C LEU A 29 -18.52 -42.19 2.65
N ASN A 30 -19.38 -41.36 2.05
CA ASN A 30 -20.82 -41.60 2.07
C ASN A 30 -21.42 -41.39 3.47
N GLY A 31 -20.91 -40.43 4.21
CA GLY A 31 -21.45 -40.25 5.55
C GLY A 31 -21.02 -41.30 6.55
N ASN A 32 -19.98 -42.08 6.22
CA ASN A 32 -19.34 -43.05 7.10
C ASN A 32 -17.86 -43.04 6.82
N THR A 33 -17.12 -43.77 7.63
CA THR A 33 -15.68 -43.80 7.54
C THR A 33 -15.16 -44.91 6.64
N SER A 34 -16.04 -45.73 6.10
CA SER A 34 -15.61 -46.94 5.41
C SER A 34 -16.74 -47.42 4.50
N VAL A 35 -16.42 -47.68 3.25
CA VAL A 35 -17.35 -48.32 2.33
C VAL A 35 -16.61 -49.39 1.56
N CYS A 36 -17.19 -50.58 1.49
CA CYS A 36 -16.76 -51.61 0.56
C CYS A 36 -17.76 -51.72 -0.57
N VAL A 37 -17.25 -51.66 -1.80
CA VAL A 37 -18.10 -51.91 -2.95
C VAL A 37 -18.53 -53.36 -2.90
N ARG A 38 -19.85 -53.58 -2.97
CA ARG A 38 -20.43 -54.93 -2.98
C ARG A 38 -21.28 -55.17 -4.20
N THR A 39 -21.34 -54.23 -5.16
CA THR A 39 -22.15 -54.39 -6.36
C THR A 39 -21.23 -54.66 -7.53
N SER A 40 -21.84 -54.98 -8.68
CA SER A 40 -21.06 -55.30 -9.87
C SER A 40 -20.40 -54.07 -10.44
N HIS A 41 -21.08 -52.94 -10.37
CA HIS A 41 -20.56 -51.70 -10.91
C HIS A 41 -20.48 -50.71 -9.76
N PHE A 42 -19.46 -49.83 -9.81
CA PHE A 42 -19.32 -48.75 -8.83
C PHE A 42 -18.73 -47.51 -9.50
N SER A 43 -19.09 -46.34 -8.96
CA SER A 43 -18.51 -45.04 -9.25
C SER A 43 -18.00 -44.41 -7.96
N ILE A 44 -16.91 -43.64 -8.03
CA ILE A 44 -16.45 -42.84 -6.89
C ILE A 44 -16.06 -41.46 -7.40
N ARG A 45 -16.62 -40.41 -6.78
CA ARG A 45 -16.27 -39.03 -7.08
C ARG A 45 -15.85 -38.26 -5.82
N TYR A 46 -14.91 -37.33 -6.00
CA TYR A 46 -14.42 -36.50 -4.89
C TYR A 46 -15.13 -35.17 -4.88
N ILE A 47 -15.67 -34.79 -3.74
CA ILE A 47 -16.48 -33.58 -3.56
C ILE A 47 -15.82 -32.72 -2.51
N TYR A 48 -15.60 -31.45 -2.84
CA TYR A 48 -14.98 -30.50 -1.95
C TYR A 48 -16.02 -29.46 -1.61
N ASN A 49 -16.23 -29.23 -0.33
CA ASN A 49 -17.28 -28.35 0.13
C ASN A 49 -16.75 -27.44 1.22
N ARG A 50 -16.70 -26.13 0.93
CA ARG A 50 -16.40 -25.11 1.93
C ARG A 50 -17.67 -24.73 2.71
N VAL A 51 -17.49 -24.25 3.93
CA VAL A 51 -18.58 -23.71 4.70
C VAL A 51 -18.51 -22.20 4.58
N LYS A 52 -19.64 -21.53 4.81
CA LYS A 52 -19.61 -20.07 4.71
C LYS A 52 -18.91 -19.42 5.88
N SER A 53 -18.05 -18.47 5.54
CA SER A 53 -17.18 -17.81 6.50
C SER A 53 -17.30 -16.31 6.46
N GLY A 54 -18.07 -15.75 5.53
CA GLY A 54 -18.20 -14.30 5.42
C GLY A 54 -16.91 -13.64 4.99
N SER A 55 -16.18 -14.27 4.10
CA SER A 55 -14.89 -13.76 3.66
C SER A 55 -14.58 -14.36 2.31
N PRO A 56 -14.34 -13.54 1.28
CA PRO A 56 -13.93 -14.07 -0.01
C PRO A 56 -12.57 -14.72 0.02
N GLY A 57 -11.92 -14.75 1.18
CA GLY A 57 -10.73 -15.55 1.36
C GLY A 57 -10.99 -17.02 1.15
N ASP A 58 -12.18 -17.50 1.52
CA ASP A 58 -12.68 -18.74 0.93
C ASP A 58 -12.48 -18.66 -0.58
N SER A 59 -12.27 -19.80 -1.23
CA SER A 59 -12.14 -19.96 -2.68
C SER A 59 -10.72 -19.67 -3.11
N SER A 60 -9.93 -19.03 -2.28
CA SER A 60 -8.50 -19.17 -2.40
C SER A 60 -8.03 -20.34 -1.58
N TRP A 61 -8.96 -21.02 -0.92
CA TRP A 61 -8.66 -22.20 -0.10
C TRP A 61 -8.97 -23.44 -0.93
N HIS A 62 -7.92 -24.10 -1.40
CA HIS A 62 -8.10 -25.28 -2.22
C HIS A 62 -7.71 -26.54 -1.46
N ILE A 63 -8.66 -27.48 -1.37
CA ILE A 63 -8.38 -28.81 -0.86
C ILE A 63 -8.68 -29.77 -1.99
N TYR A 64 -7.70 -30.59 -2.32
CA TYR A 64 -7.72 -31.53 -3.43
C TYR A 64 -6.83 -32.69 -3.06
N LEU A 65 -6.90 -33.77 -3.83
CA LEU A 65 -6.08 -34.92 -3.48
C LEU A 65 -4.98 -35.09 -4.52
N LYS A 66 -4.04 -35.99 -4.20
CA LYS A 66 -2.76 -36.14 -4.87
C LYS A 66 -2.58 -37.57 -5.37
N SER A 67 -1.68 -37.76 -6.33
CA SER A 67 -1.36 -39.13 -6.75
C SER A 67 -0.57 -39.86 -5.65
N GLY A 68 -1.13 -40.93 -5.14
CA GLY A 68 -0.55 -41.48 -3.94
C GLY A 68 0.44 -42.62 -4.11
N THR A 69 0.30 -43.66 -3.31
CA THR A 69 1.27 -44.75 -3.25
C THR A 69 0.82 -45.95 -4.04
N CYS A 70 0.09 -45.77 -5.14
CA CYS A 70 -0.61 -46.93 -5.69
C CYS A 70 -0.90 -46.72 -7.17
N PRO A 71 -1.06 -47.80 -7.94
CA PRO A 71 -0.97 -47.72 -9.39
C PRO A 71 -2.21 -47.14 -10.06
N PHE A 72 -3.10 -46.58 -9.26
CA PHE A 72 -4.35 -46.00 -9.69
C PHE A 72 -4.20 -44.49 -9.64
N SER A 73 -4.84 -43.81 -10.59
CA SER A 73 -5.20 -42.42 -10.39
C SER A 73 -6.67 -42.43 -9.98
N PHE A 74 -7.02 -41.66 -8.95
CA PHE A 74 -8.42 -41.56 -8.54
C PHE A 74 -9.38 -41.54 -9.73
N SER A 75 -9.11 -40.67 -10.71
CA SER A 75 -9.91 -40.63 -11.93
C SER A 75 -9.85 -41.94 -12.74
N LYS A 76 -8.71 -42.66 -12.73
CA LYS A 76 -8.63 -43.95 -13.43
C LYS A 76 -9.55 -45.02 -12.83
N LEU A 77 -9.85 -44.94 -11.54
CA LEU A 77 -10.70 -45.94 -10.91
C LEU A 77 -12.07 -46.03 -11.59
N ASN A 78 -12.63 -44.88 -11.99
CA ASN A 78 -13.97 -44.83 -12.55
C ASN A 78 -14.00 -45.19 -14.03
N ASN A 79 -12.85 -45.44 -14.65
CA ASN A 79 -12.79 -45.59 -16.10
C ASN A 79 -12.63 -47.06 -16.48
N PHE A 80 -13.64 -47.86 -16.12
CA PHE A 80 -13.79 -49.25 -16.55
C PHE A 80 -12.64 -50.14 -16.08
N GLN A 81 -12.00 -49.77 -14.99
CA GLN A 81 -11.02 -50.65 -14.37
C GLN A 81 -11.75 -51.75 -13.62
N LYS A 82 -11.01 -52.81 -13.30
CA LYS A 82 -11.65 -54.00 -12.76
C LYS A 82 -10.95 -54.51 -11.51
N PHE A 83 -11.74 -55.01 -10.57
CA PHE A 83 -11.25 -55.49 -9.28
C PHE A 83 -12.04 -56.73 -8.86
N LYS A 84 -11.54 -57.39 -7.82
CA LYS A 84 -12.33 -58.42 -7.13
C LYS A 84 -12.87 -57.87 -5.83
N THR A 85 -11.98 -57.39 -4.98
CA THR A 85 -12.30 -56.54 -3.85
C THR A 85 -11.92 -55.12 -4.17
N ILE A 86 -12.71 -54.16 -3.68
CA ILE A 86 -12.30 -52.76 -3.60
C ILE A 86 -13.01 -52.11 -2.41
N CYS A 87 -12.23 -51.53 -1.50
CA CYS A 87 -12.81 -50.91 -0.31
C CYS A 87 -12.15 -49.56 -0.06
N PHE A 88 -12.95 -48.63 0.45
CA PHE A 88 -12.50 -47.27 0.68
C PHE A 88 -12.68 -46.96 2.15
N SER A 89 -11.69 -46.31 2.74
CA SER A 89 -11.74 -45.96 4.14
C SER A 89 -11.17 -44.58 4.30
N THR A 90 -11.52 -43.96 5.43
CA THR A 90 -11.04 -42.62 5.79
C THR A 90 -9.71 -42.67 6.52
N VAL A 91 -9.47 -43.71 7.30
CA VAL A 91 -8.28 -43.78 8.12
C VAL A 91 -7.45 -44.96 7.67
N GLU A 92 -6.14 -44.80 7.80
CA GLU A 92 -5.23 -45.86 7.40
C GLU A 92 -5.63 -47.24 7.90
N VAL A 93 -5.74 -48.15 6.93
CA VAL A 93 -6.08 -49.56 7.21
C VAL A 93 -4.87 -50.35 6.72
N PRO A 94 -4.69 -51.61 7.14
CA PRO A 94 -3.60 -52.44 6.64
C PRO A 94 -3.41 -52.63 5.13
N GLY A 95 -2.17 -52.50 4.65
CA GLY A 95 -1.85 -52.73 3.22
C GLY A 95 -2.78 -51.96 2.33
N SER A 96 -2.56 -50.65 2.21
CA SER A 96 -3.53 -49.84 1.48
C SER A 96 -2.89 -48.88 0.48
N CYS A 97 -3.68 -48.45 -0.50
CA CYS A 97 -3.25 -47.38 -1.42
C CYS A 97 -3.65 -46.12 -0.68
N ASN A 98 -2.87 -45.06 -0.80
CA ASN A 98 -3.08 -43.83 -0.03
C ASN A 98 -3.20 -42.67 -1.00
N PHE A 99 -4.35 -42.01 -1.04
CA PHE A 99 -4.49 -40.80 -1.85
C PHE A 99 -4.45 -39.60 -0.91
N PRO A 100 -3.31 -38.92 -0.75
CA PRO A 100 -3.23 -37.87 0.28
C PRO A 100 -4.00 -36.61 -0.08
N LEU A 101 -4.56 -35.97 0.94
CA LEU A 101 -5.51 -34.87 0.75
C LEU A 101 -4.81 -33.60 1.23
N GLU A 102 -4.26 -32.83 0.31
CA GLU A 102 -3.55 -31.59 0.58
C GLU A 102 -4.43 -30.34 0.51
N ALA A 103 -4.25 -29.42 1.46
CA ALA A 103 -4.96 -28.14 1.44
C ALA A 103 -3.97 -27.00 1.27
N THR A 104 -4.45 -25.90 0.67
CA THR A 104 -3.55 -24.81 0.30
C THR A 104 -4.29 -23.48 0.19
N TRP A 105 -3.69 -22.43 0.73
CA TRP A 105 -4.26 -21.10 0.55
C TRP A 105 -3.58 -20.45 -0.65
N HIS A 106 -4.30 -20.46 -1.76
CA HIS A 106 -3.97 -19.77 -2.99
C HIS A 106 -2.50 -20.01 -3.35
N TYR A 107 -2.10 -21.27 -3.14
CA TYR A 107 -0.84 -21.87 -3.61
C TYR A 107 0.38 -21.32 -2.92
N THR A 108 0.19 -20.81 -1.70
CA THR A 108 1.25 -20.40 -0.78
C THR A 108 1.87 -21.61 -0.12
N SER A 109 1.36 -21.89 1.09
CA SER A 109 1.73 -23.03 1.91
C SER A 109 0.80 -24.18 1.59
N TYR A 110 1.38 -25.37 1.55
CA TYR A 110 0.67 -26.62 1.35
C TYR A 110 0.71 -27.44 2.63
N THR A 111 -0.43 -28.04 2.98
CA THR A 111 -0.60 -28.60 4.33
C THR A 111 -1.57 -29.81 4.31
N ILE A 112 -1.04 -31.02 4.52
CA ILE A 112 -1.83 -32.23 4.28
C ILE A 112 -2.84 -32.45 5.40
N VAL A 113 -4.09 -32.70 5.02
CA VAL A 113 -5.21 -32.74 5.95
C VAL A 113 -5.94 -34.08 5.93
N GLY A 114 -5.37 -35.11 5.35
CA GLY A 114 -5.98 -36.43 5.44
C GLY A 114 -5.68 -37.22 4.19
N ALA A 115 -6.41 -38.33 4.03
CA ALA A 115 -6.17 -39.12 2.83
C ALA A 115 -7.29 -40.15 2.65
N LEU A 116 -7.44 -40.60 1.42
CA LEU A 116 -8.41 -41.64 1.06
C LEU A 116 -7.67 -42.97 0.93
N TYR A 117 -8.19 -44.00 1.58
CA TYR A 117 -7.47 -45.26 1.70
C TYR A 117 -8.16 -46.33 0.89
N VAL A 118 -7.41 -46.97 -0.02
CA VAL A 118 -7.95 -47.94 -0.97
C VAL A 118 -7.28 -49.29 -0.79
N THR A 119 -8.11 -50.34 -0.79
CA THR A 119 -7.68 -51.72 -0.64
C THR A 119 -8.29 -52.57 -1.74
N TRP A 120 -7.51 -53.46 -2.36
CA TRP A 120 -7.97 -54.10 -3.59
C TRP A 120 -7.28 -55.42 -3.87
N SER A 121 -8.09 -56.35 -4.41
CA SER A 121 -7.67 -57.69 -4.81
C SER A 121 -8.06 -57.83 -6.26
N GLU A 122 -7.10 -58.08 -7.17
CA GLU A 122 -7.45 -57.84 -8.56
C GLU A 122 -8.49 -58.87 -8.95
N GLY A 123 -9.43 -58.46 -9.78
CA GLY A 123 -10.33 -59.46 -10.28
C GLY A 123 -11.18 -58.90 -11.37
N ASN A 124 -12.12 -59.73 -11.81
CA ASN A 124 -13.04 -59.35 -12.87
C ASN A 124 -14.46 -59.46 -12.40
N SER A 125 -14.71 -59.08 -11.15
CA SER A 125 -16.05 -59.12 -10.61
C SER A 125 -16.65 -57.73 -10.39
N ILE A 126 -15.82 -56.70 -10.21
CA ILE A 126 -16.28 -55.34 -9.93
C ILE A 126 -15.73 -54.41 -11.00
N THR A 127 -16.56 -53.50 -11.48
CA THR A 127 -16.20 -52.62 -12.58
C THR A 127 -16.30 -51.17 -12.16
N GLY A 128 -15.45 -50.32 -12.71
CA GLY A 128 -15.62 -48.91 -12.45
C GLY A 128 -16.26 -48.19 -13.61
N VAL A 129 -17.55 -47.89 -13.50
CA VAL A 129 -18.26 -47.14 -14.57
C VAL A 129 -18.04 -45.65 -14.26
N PRO A 130 -17.81 -44.79 -15.28
CA PRO A 130 -17.60 -43.38 -15.05
C PRO A 130 -18.85 -42.49 -15.03
N TYR A 131 -19.93 -42.96 -15.63
CA TYR A 131 -21.18 -42.16 -15.76
C TYR A 131 -21.57 -41.49 -14.44
N SER B 1 0.53 -19.88 37.32
CA SER B 1 1.39 -20.21 36.19
C SER B 1 2.20 -18.97 35.76
N THR B 2 3.21 -19.17 34.90
CA THR B 2 4.18 -18.11 34.61
C THR B 2 3.46 -16.93 33.98
N THR B 3 3.77 -15.73 34.48
CA THR B 3 3.06 -14.51 34.02
C THR B 3 3.15 -14.43 32.51
N GLU B 4 4.25 -14.93 31.95
CA GLU B 4 4.43 -14.90 30.47
C GLU B 4 3.41 -15.88 29.87
N ASP B 5 3.25 -17.05 30.48
CA ASP B 5 2.21 -18.00 30.02
C ASP B 5 0.85 -17.32 30.16
N LEU B 6 0.65 -16.55 31.22
CA LEU B 6 -0.69 -16.03 31.55
C LEU B 6 -0.99 -14.88 30.59
N ALA B 7 0.06 -14.29 30.04
CA ALA B 7 -0.07 -13.25 29.01
C ALA B 7 -0.25 -13.89 27.64
N LYS B 8 0.27 -15.09 27.45
CA LYS B 8 -0.03 -15.77 26.17
C LYS B 8 -1.52 -16.03 26.14
N THR B 9 -2.10 -16.40 27.28
CA THR B 9 -3.58 -16.56 27.35
C THR B 9 -4.19 -15.29 26.76
N PHE B 10 -3.80 -14.13 27.26
CA PHE B 10 -4.36 -12.85 26.77
C PHE B 10 -4.19 -12.77 25.27
N LEU B 11 -2.96 -12.92 24.79
CA LEU B 11 -2.69 -12.75 23.34
C LEU B 11 -3.60 -13.68 22.55
N GLU B 12 -3.71 -14.94 22.93
CA GLU B 12 -4.51 -15.92 22.16
C GLU B 12 -5.96 -15.44 22.11
N LYS B 13 -6.48 -14.96 23.23
CA LYS B 13 -7.85 -14.41 23.28
C LYS B 13 -7.94 -13.27 22.26
N PHE B 14 -7.05 -12.30 22.37
CA PHE B 14 -7.08 -11.13 21.46
C PHE B 14 -7.13 -11.65 20.04
N ASN B 15 -6.17 -12.50 19.68
CA ASN B 15 -5.93 -12.90 18.27
C ASN B 15 -7.08 -13.75 17.71
N SER B 16 -8.16 -13.91 18.47
CA SER B 16 -9.39 -14.59 17.99
C SER B 16 -10.53 -13.60 17.84
N GLU B 17 -10.82 -12.84 18.90
CA GLU B 17 -11.96 -11.90 18.88
C GLU B 17 -11.64 -10.77 17.91
N ALA B 18 -10.36 -10.49 17.74
CA ALA B 18 -9.92 -9.36 16.90
C ALA B 18 -10.24 -9.68 15.46
N GLU B 19 -9.92 -10.89 15.02
CA GLU B 19 -9.90 -11.18 13.58
C GLU B 19 -11.33 -11.27 13.10
N GLU B 20 -12.29 -11.34 14.01
CA GLU B 20 -13.69 -11.19 13.57
C GLU B 20 -14.06 -9.70 13.57
N LEU B 21 -13.78 -8.99 14.64
CA LEU B 21 -14.22 -7.59 14.72
C LEU B 21 -13.48 -6.76 13.66
N SER B 22 -12.17 -6.94 13.52
CA SER B 22 -11.41 -6.29 12.43
C SER B 22 -12.16 -6.48 11.12
N HIS B 23 -12.31 -7.73 10.68
CA HIS B 23 -12.90 -7.96 9.35
C HIS B 23 -14.25 -7.26 9.27
N GLN B 24 -14.98 -7.17 10.37
CA GLN B 24 -16.35 -6.66 10.20
C GLN B 24 -16.30 -5.14 10.14
N SER B 25 -15.28 -4.54 10.74
CA SER B 25 -15.11 -3.06 10.69
C SER B 25 -14.62 -2.71 9.31
N SER B 26 -13.69 -3.51 8.83
CA SER B 26 -13.08 -3.31 7.50
C SER B 26 -14.18 -3.44 6.46
N LEU B 27 -15.12 -4.36 6.66
CA LEU B 27 -16.11 -4.66 5.60
C LEU B 27 -17.08 -3.49 5.49
N ALA B 28 -17.22 -2.73 6.58
CA ALA B 28 -18.19 -1.63 6.61
C ALA B 28 -17.51 -0.33 6.19
N SER B 29 -16.23 -0.19 6.51
CA SER B 29 -15.47 0.91 5.90
C SER B 29 -15.45 0.72 4.39
N TRP B 30 -15.34 -0.52 3.92
CA TRP B 30 -15.33 -0.76 2.47
C TRP B 30 -16.60 -0.18 1.89
N SER B 31 -17.74 -0.62 2.40
CA SER B 31 -19.06 -0.24 1.85
C SER B 31 -19.17 1.28 1.82
N TYR B 32 -18.83 1.98 2.89
CA TYR B 32 -18.92 3.45 2.83
C TYR B 32 -18.02 3.92 1.70
N ASN B 33 -16.80 3.41 1.66
CA ASN B 33 -15.75 3.97 0.78
C ASN B 33 -16.04 3.60 -0.68
N THR B 34 -17.13 2.88 -0.90
CA THR B 34 -17.49 2.21 -2.17
C THR B 34 -18.93 2.61 -2.48
N ASN B 35 -19.52 3.42 -1.59
CA ASN B 35 -20.96 3.76 -1.63
C ASN B 35 -21.23 4.73 -0.49
N ILE B 36 -20.73 5.96 -0.59
CA ILE B 36 -21.00 6.93 0.50
C ILE B 36 -22.51 7.21 0.50
N THR B 37 -23.16 6.81 1.58
CA THR B 37 -24.60 6.98 1.86
C THR B 37 -24.77 7.03 3.38
N ASP B 38 -25.67 7.86 3.88
CA ASP B 38 -25.68 8.17 5.33
C ASP B 38 -25.86 6.91 6.16
N GLU B 39 -26.50 5.88 5.60
CA GLU B 39 -26.77 4.66 6.39
C GLU B 39 -25.53 3.76 6.36
N ASN B 40 -24.65 3.95 5.39
CA ASN B 40 -23.37 3.21 5.36
C ASN B 40 -22.36 3.94 6.24
N VAL B 41 -22.49 5.25 6.39
CA VAL B 41 -21.66 5.96 7.41
C VAL B 41 -22.03 5.36 8.76
N GLN B 42 -23.32 5.27 9.03
CA GLN B 42 -23.79 4.78 10.35
C GLN B 42 -23.19 3.41 10.61
N LYS B 43 -23.48 2.45 9.75
CA LYS B 43 -22.99 1.08 9.97
C LYS B 43 -21.48 1.11 10.21
N MET B 44 -20.74 1.87 9.41
CA MET B 44 -19.27 1.97 9.57
C MET B 44 -18.95 2.37 10.99
N ASN B 45 -19.53 3.47 11.44
CA ASN B 45 -19.25 3.99 12.79
C ASN B 45 -19.50 2.87 13.80
N GLU B 46 -20.65 2.21 13.71
CA GLU B 46 -21.05 1.29 14.79
C GLU B 46 -19.98 0.23 14.95
N ALA B 47 -19.54 -0.35 13.83
CA ALA B 47 -18.69 -1.54 13.88
C ALA B 47 -17.31 -1.12 14.34
N GLY B 48 -16.96 0.12 14.03
CA GLY B 48 -15.64 0.62 14.44
C GLY B 48 -15.69 1.03 15.89
N ALA B 49 -16.89 1.33 16.38
CA ALA B 49 -17.08 1.60 17.83
C ALA B 49 -17.00 0.28 18.59
N ARG B 50 -17.47 -0.80 17.98
CA ARG B 50 -17.21 -2.14 18.54
C ARG B 50 -15.70 -2.38 18.57
N TRP B 51 -15.00 -2.03 17.51
CA TRP B 51 -13.55 -2.33 17.49
C TRP B 51 -12.85 -1.46 18.52
N SER B 52 -13.15 -0.18 18.49
CA SER B 52 -12.46 0.76 19.41
C SER B 52 -12.62 0.25 20.82
N ALA B 53 -13.86 0.08 21.27
CA ALA B 53 -14.17 -0.51 22.59
C ALA B 53 -13.17 -1.62 22.92
N PHE B 54 -13.21 -2.69 22.16
CA PHE B 54 -12.37 -3.88 22.44
C PHE B 54 -10.93 -3.42 22.52
N TYR B 55 -10.45 -2.76 21.48
CA TYR B 55 -8.98 -2.55 21.40
C TYR B 55 -8.53 -1.75 22.61
N GLU B 56 -9.25 -0.67 22.94
CA GLU B 56 -8.78 0.24 24.01
C GLU B 56 -8.93 -0.45 25.37
N GLU B 57 -9.89 -1.38 25.49
CA GLU B 57 -10.07 -2.15 26.74
C GLU B 57 -8.91 -3.15 26.84
N GLN B 58 -8.63 -3.85 25.75
CA GLN B 58 -7.58 -4.89 25.81
C GLN B 58 -6.20 -4.23 25.80
N CYS B 59 -6.10 -2.97 25.42
CA CYS B 59 -4.83 -2.25 25.64
C CYS B 59 -4.60 -2.17 27.14
N LYS B 60 -5.64 -1.80 27.88
CA LYS B 60 -5.47 -1.54 29.31
C LYS B 60 -5.35 -2.87 30.07
N LEU B 61 -5.92 -3.93 29.53
CA LEU B 61 -5.85 -5.25 30.18
C LEU B 61 -4.52 -5.89 29.81
N ALA B 62 -3.69 -5.17 29.08
CA ALA B 62 -2.41 -5.72 28.61
C ALA B 62 -1.28 -4.94 29.27
N LYS B 63 -1.57 -3.69 29.61
CA LYS B 63 -0.62 -2.93 30.46
C LYS B 63 -0.50 -3.63 31.82
N THR B 64 -1.49 -4.42 32.19
CA THR B 64 -1.47 -5.13 33.50
C THR B 64 -0.39 -6.20 33.46
N TYR B 65 0.21 -6.44 32.29
CA TYR B 65 1.15 -7.57 32.10
C TYR B 65 2.54 -7.00 31.84
N PRO B 66 3.40 -6.90 32.87
CA PRO B 66 4.60 -6.10 32.80
C PRO B 66 5.62 -6.74 31.85
N LEU B 67 6.40 -5.89 31.20
CA LEU B 67 7.15 -6.28 29.98
C LEU B 67 8.50 -6.85 30.41
N GLU B 68 9.11 -6.30 31.45
CA GLU B 68 10.40 -6.83 31.93
C GLU B 68 10.19 -8.30 32.30
N GLU B 69 8.99 -8.62 32.75
CA GLU B 69 8.68 -9.93 33.36
C GLU B 69 8.44 -10.95 32.25
N ILE B 70 8.41 -10.50 31.00
CA ILE B 70 8.20 -11.47 29.89
C ILE B 70 9.49 -11.57 29.07
N GLN B 71 9.79 -12.78 28.59
CA GLN B 71 11.16 -13.12 28.10
C GLN B 71 11.05 -13.58 26.65
N ASN B 72 9.93 -14.21 26.30
CA ASN B 72 9.62 -14.57 24.90
C ASN B 72 9.50 -13.29 24.09
N LEU B 73 10.32 -13.14 23.05
CA LEU B 73 10.40 -11.85 22.31
C LEU B 73 9.43 -11.88 21.13
N THR B 74 8.49 -12.83 21.12
CA THR B 74 7.26 -12.62 20.35
C THR B 74 6.22 -12.07 21.31
N VAL B 75 6.04 -12.73 22.44
CA VAL B 75 4.93 -12.26 23.32
C VAL B 75 5.30 -10.90 23.88
N LYS B 76 6.58 -10.53 23.85
CA LYS B 76 6.95 -9.17 24.30
C LYS B 76 6.46 -8.21 23.23
N ARG B 77 6.93 -8.42 22.01
CA ARG B 77 6.55 -7.61 20.83
C ARG B 77 5.04 -7.40 20.84
N GLN B 78 4.29 -8.49 20.75
CA GLN B 78 2.81 -8.42 20.60
C GLN B 78 2.26 -7.57 21.74
N LEU B 79 2.74 -7.80 22.96
CA LEU B 79 2.13 -7.11 24.11
C LEU B 79 2.50 -5.65 24.02
N GLN B 80 3.77 -5.37 23.75
CA GLN B 80 4.24 -3.97 23.74
C GLN B 80 3.29 -3.16 22.87
N ALA B 81 2.86 -3.78 21.78
CA ALA B 81 2.16 -3.05 20.71
C ALA B 81 0.76 -2.73 21.21
N LEU B 82 0.07 -3.75 21.71
CA LEU B 82 -1.27 -3.54 22.30
C LEU B 82 -1.15 -2.41 23.30
N GLN B 83 -0.32 -2.62 24.31
CA GLN B 83 -0.17 -1.68 25.44
C GLN B 83 -0.13 -0.26 24.91
N GLN B 84 0.92 0.07 24.14
CA GLN B 84 1.32 1.47 23.95
C GLN B 84 0.09 2.31 23.59
N SER B 85 -0.59 1.93 22.52
CA SER B 85 -1.39 2.89 21.72
C SER B 85 -2.71 3.22 22.42
N GLY B 86 -3.37 4.27 21.96
CA GLY B 86 -4.78 4.52 22.29
C GLY B 86 -5.04 5.99 22.51
N SER B 87 -5.68 6.65 21.55
CA SER B 87 -6.43 7.91 21.77
C SER B 87 -7.61 7.66 22.71
N SER B 88 -7.32 7.28 23.96
CA SER B 88 -8.27 6.54 24.83
C SER B 88 -8.19 7.21 26.19
N VAL B 89 -7.19 8.07 26.32
CA VAL B 89 -6.80 8.68 27.61
C VAL B 89 -7.53 10.01 27.74
N LEU B 90 -8.59 10.19 26.94
CA LEU B 90 -9.28 11.50 26.81
C LEU B 90 -10.71 11.38 27.31
N SER B 91 -11.23 12.49 27.82
CA SER B 91 -12.65 12.64 28.24
C SER B 91 -13.56 12.10 27.16
N ALA B 92 -14.55 11.32 27.54
CA ALA B 92 -15.57 10.87 26.58
C ALA B 92 -16.06 12.05 25.75
N ASP B 93 -16.18 13.22 26.38
CA ASP B 93 -16.59 14.41 25.65
C ASP B 93 -15.50 14.86 24.70
N LYS B 94 -14.25 14.90 25.16
CA LYS B 94 -13.24 15.44 24.25
C LYS B 94 -12.85 14.44 23.16
N SER B 95 -13.02 13.15 23.42
CA SER B 95 -12.83 12.17 22.34
C SER B 95 -13.86 12.40 21.24
N LYS B 96 -15.03 12.89 21.60
CA LYS B 96 -16.17 12.86 20.65
C LYS B 96 -16.07 14.10 19.79
N ARG B 97 -15.54 15.15 20.40
CA ARG B 97 -15.25 16.40 19.66
C ARG B 97 -14.20 16.09 18.61
N LEU B 98 -13.08 15.47 18.99
CA LEU B 98 -12.02 15.19 17.99
C LEU B 98 -12.69 14.57 16.79
N ASN B 99 -13.50 13.55 17.00
CA ASN B 99 -13.98 12.72 15.88
C ASN B 99 -14.96 13.53 15.03
N GLU B 100 -15.61 14.52 15.61
CA GLU B 100 -16.49 15.38 14.79
C GLU B 100 -15.60 16.30 13.96
N ILE B 101 -14.57 16.86 14.59
CA ILE B 101 -13.61 17.77 13.92
C ILE B 101 -13.01 17.00 12.76
N LEU B 102 -12.57 15.79 13.04
CA LEU B 102 -11.87 14.93 12.06
C LEU B 102 -12.82 14.61 10.93
N ASN B 103 -14.06 14.26 11.26
CA ASN B 103 -14.98 13.80 10.21
C ASN B 103 -15.46 15.03 9.46
N THR B 104 -15.50 16.17 10.15
CA THR B 104 -15.86 17.39 9.43
C THR B 104 -14.75 17.79 8.47
N MET B 105 -13.50 17.88 8.95
CA MET B 105 -12.41 18.18 8.03
C MET B 105 -12.43 17.24 6.85
N SER B 106 -12.65 15.94 7.09
CA SER B 106 -12.64 15.02 5.97
C SER B 106 -13.71 15.37 4.97
N THR B 107 -14.93 15.64 5.44
CA THR B 107 -15.98 15.80 4.44
C THR B 107 -16.01 17.19 3.84
N ILE B 108 -15.56 18.22 4.56
CA ILE B 108 -15.27 19.50 3.94
C ILE B 108 -14.32 19.31 2.78
N TYR B 109 -13.24 18.53 2.99
CA TYR B 109 -12.34 18.25 1.89
C TYR B 109 -13.06 17.48 0.77
N SER B 110 -13.81 16.42 1.15
CA SER B 110 -14.51 15.54 0.20
C SER B 110 -15.45 16.30 -0.71
N THR B 111 -16.05 17.38 -0.21
CA THR B 111 -17.23 17.95 -0.82
C THR B 111 -17.08 19.41 -1.19
N GLY B 112 -15.91 19.95 -0.91
CA GLY B 112 -15.58 21.33 -1.22
C GLY B 112 -15.78 21.58 -2.67
N LYS B 113 -16.32 22.74 -2.98
CA LYS B 113 -16.64 23.16 -4.35
C LYS B 113 -16.14 24.59 -4.53
N VAL B 114 -15.64 24.88 -5.72
CA VAL B 114 -15.10 26.21 -6.10
C VAL B 114 -15.77 26.56 -7.42
N CYS B 115 -16.33 27.74 -7.48
CA CYS B 115 -17.57 28.00 -8.24
C CYS B 115 -17.22 29.09 -9.25
N ASN B 116 -17.55 28.89 -10.52
CA ASN B 116 -17.22 29.86 -11.58
C ASN B 116 -17.86 31.17 -11.18
N PRO B 117 -17.12 32.28 -11.12
CA PRO B 117 -17.76 33.57 -10.86
C PRO B 117 -18.63 34.06 -12.03
N SER B 118 -18.52 33.43 -13.19
CA SER B 118 -19.39 33.68 -14.37
C SER B 118 -20.71 32.95 -14.22
N ASN B 119 -20.67 31.66 -13.96
CA ASN B 119 -21.91 30.86 -13.83
C ASN B 119 -21.97 30.34 -12.41
N PRO B 120 -22.73 30.95 -11.50
CA PRO B 120 -22.73 30.50 -10.12
C PRO B 120 -23.33 29.11 -9.94
N GLN B 121 -23.97 28.57 -10.99
CA GLN B 121 -24.49 27.18 -10.93
C GLN B 121 -23.38 26.21 -11.31
N GLU B 122 -22.31 26.69 -11.95
CA GLU B 122 -21.17 25.82 -12.29
C GLU B 122 -20.17 25.90 -11.15
N CYS B 123 -19.91 24.75 -10.54
CA CYS B 123 -19.21 24.71 -9.25
C CYS B 123 -18.49 23.36 -9.14
N LEU B 124 -17.19 23.40 -8.84
CA LEU B 124 -16.25 22.32 -9.24
C LEU B 124 -15.62 21.72 -7.98
N LEU B 125 -15.36 20.40 -7.98
CA LEU B 125 -14.71 19.72 -6.85
C LEU B 125 -13.30 19.34 -7.29
N LEU B 126 -12.43 19.03 -6.33
CA LEU B 126 -11.03 18.68 -6.64
C LEU B 126 -11.10 17.49 -7.56
N GLU B 127 -11.68 16.43 -7.06
CA GLU B 127 -11.97 15.22 -7.84
C GLU B 127 -13.43 15.31 -8.24
N PRO B 128 -13.75 15.58 -9.53
CA PRO B 128 -12.80 15.45 -10.60
C PRO B 128 -12.26 16.66 -11.38
N GLY B 129 -12.71 17.88 -11.09
CA GLY B 129 -12.51 18.99 -12.04
C GLY B 129 -11.29 19.82 -11.74
N LEU B 130 -11.10 20.19 -10.50
CA LEU B 130 -10.07 21.20 -10.19
C LEU B 130 -8.71 20.54 -10.33
N ASP B 131 -8.62 19.26 -10.00
CA ASP B 131 -7.31 18.59 -10.14
C ASP B 131 -7.04 18.45 -11.64
N ALA B 132 -8.08 18.23 -12.43
CA ALA B 132 -7.86 18.13 -13.88
C ALA B 132 -7.35 19.43 -14.45
N ILE B 133 -7.93 20.55 -14.03
CA ILE B 133 -7.35 21.85 -14.44
C ILE B 133 -5.88 21.78 -14.06
N MET B 134 -5.57 21.54 -12.79
CA MET B 134 -4.22 21.88 -12.31
C MET B 134 -3.21 20.89 -12.90
N GLU B 135 -3.68 19.73 -13.33
CA GLU B 135 -2.84 18.71 -13.99
C GLU B 135 -2.67 19.08 -15.46
N ASN B 136 -3.74 19.51 -16.13
CA ASN B 136 -3.62 19.69 -17.59
C ASN B 136 -3.40 21.13 -18.03
N SER B 137 -3.88 22.11 -17.30
CA SER B 137 -4.02 23.44 -17.91
C SER B 137 -2.64 24.07 -18.10
N LYS B 138 -2.55 24.95 -19.08
CA LYS B 138 -1.37 25.78 -19.22
C LYS B 138 -1.69 27.23 -19.03
N ASP B 139 -2.93 27.58 -18.68
CA ASP B 139 -3.36 28.97 -18.62
C ASP B 139 -3.10 29.51 -17.23
N TYR B 140 -2.18 30.46 -17.13
CA TYR B 140 -1.77 31.01 -15.83
C TYR B 140 -2.97 31.43 -14.98
N ASN B 141 -3.97 32.08 -15.59
CA ASN B 141 -5.04 32.62 -14.77
C ASN B 141 -6.10 31.58 -14.43
N GLN B 142 -6.30 30.57 -15.27
CA GLN B 142 -7.14 29.45 -14.88
C GLN B 142 -6.49 28.65 -13.76
N ARG B 143 -5.20 28.42 -13.84
CA ARG B 143 -4.52 27.71 -12.75
C ARG B 143 -4.76 28.47 -11.46
N LEU B 144 -4.59 29.78 -11.46
CA LEU B 144 -4.68 30.57 -10.22
C LEU B 144 -6.11 30.57 -9.72
N TRP B 145 -7.10 30.72 -10.59
CA TRP B 145 -8.49 30.57 -10.12
C TRP B 145 -8.57 29.29 -9.32
N ALA B 146 -8.21 28.18 -9.93
CA ALA B 146 -8.43 26.95 -9.19
C ALA B 146 -7.59 26.93 -7.93
N TRP B 147 -6.30 27.25 -8.07
CA TRP B 147 -5.34 27.10 -6.96
C TRP B 147 -5.76 27.91 -5.76
N GLU B 148 -6.22 29.13 -6.04
CA GLU B 148 -6.67 30.07 -5.05
C GLU B 148 -8.07 29.74 -4.56
N GLY B 149 -8.95 29.34 -5.47
CA GLY B 149 -10.31 29.02 -5.06
C GLY B 149 -10.31 27.94 -4.02
N TRP B 150 -9.55 26.88 -4.25
CA TRP B 150 -9.46 25.79 -3.30
C TRP B 150 -8.93 26.30 -1.95
N ARG B 151 -7.87 27.06 -1.97
CA ARG B 151 -7.27 27.50 -0.70
C ARG B 151 -8.22 28.49 -0.03
N SER B 152 -8.83 29.40 -0.79
CA SER B 152 -9.64 30.40 -0.12
C SER B 152 -10.99 29.86 0.33
N GLU B 153 -11.61 28.97 -0.42
CA GLU B 153 -12.95 28.66 -0.02
C GLU B 153 -13.05 27.34 0.76
N VAL B 154 -12.06 26.44 0.74
CA VAL B 154 -12.05 25.32 1.67
C VAL B 154 -10.92 25.43 2.70
N GLY B 155 -9.73 25.91 2.32
CA GLY B 155 -8.68 26.04 3.32
C GLY B 155 -9.09 26.94 4.47
N LYS B 156 -9.74 28.06 4.14
CA LYS B 156 -10.30 28.93 5.17
C LYS B 156 -11.23 28.14 6.07
N GLN B 157 -12.20 27.43 5.47
CA GLN B 157 -13.14 26.67 6.31
C GLN B 157 -12.38 25.77 7.27
N LEU B 158 -11.30 25.18 6.77
CA LEU B 158 -10.54 24.23 7.58
C LEU B 158 -9.86 24.89 8.76
N ARG B 159 -9.51 26.17 8.67
CA ARG B 159 -8.62 26.80 9.68
C ARG B 159 -9.13 26.68 11.13
N PRO B 160 -10.36 27.07 11.47
CA PRO B 160 -10.81 26.91 12.88
C PRO B 160 -10.79 25.48 13.40
N LEU B 161 -11.35 24.55 12.60
CA LEU B 161 -11.20 23.14 12.89
C LEU B 161 -9.74 22.77 13.13
N TYR B 162 -8.83 23.16 12.23
CA TYR B 162 -7.45 22.71 12.39
C TYR B 162 -6.90 23.16 13.72
N GLU B 163 -7.26 24.37 14.15
CA GLU B 163 -6.74 24.84 15.43
C GLU B 163 -7.22 23.95 16.57
N GLU B 164 -8.53 23.66 16.62
CA GLU B 164 -8.96 22.75 17.70
C GLU B 164 -8.23 21.43 17.58
N TYR B 165 -8.04 20.97 16.34
CA TYR B 165 -7.48 19.64 16.10
C TYR B 165 -6.06 19.54 16.66
N VAL B 166 -5.25 20.58 16.46
CA VAL B 166 -3.92 20.51 17.07
C VAL B 166 -4.05 20.55 18.57
N VAL B 167 -4.97 21.34 19.12
CA VAL B 167 -5.04 21.39 20.59
C VAL B 167 -5.30 19.96 21.14
N LEU B 168 -6.35 19.31 20.63
CA LEU B 168 -6.78 18.02 21.18
C LEU B 168 -5.83 16.87 20.81
N LYS B 169 -5.25 16.85 19.60
CA LYS B 169 -4.29 15.78 19.33
C LYS B 169 -3.01 16.01 20.15
N ASN B 170 -2.67 17.27 20.46
CA ASN B 170 -1.56 17.50 21.38
C ASN B 170 -1.91 17.00 22.76
N GLU B 171 -3.16 17.14 23.14
CA GLU B 171 -3.56 16.60 24.43
C GLU B 171 -3.49 15.09 24.43
N MET B 172 -4.06 14.44 23.40
CA MET B 172 -3.99 12.99 23.30
C MET B 172 -2.55 12.52 23.34
N ALA B 173 -1.66 13.28 22.70
CA ALA B 173 -0.25 12.95 22.69
C ALA B 173 0.34 12.98 24.09
N ARG B 174 0.20 14.11 24.77
CA ARG B 174 0.87 14.24 26.06
C ARG B 174 0.25 13.34 27.13
N ALA B 175 -1.00 12.95 26.96
CA ALA B 175 -1.62 12.05 27.90
C ALA B 175 -1.34 10.57 27.61
N ASN B 176 -0.90 10.19 26.40
CA ASN B 176 -0.11 8.96 26.26
C ASN B 176 1.38 9.18 26.45
N ASN B 177 1.78 10.30 27.06
CA ASN B 177 3.13 10.52 27.57
C ASN B 177 4.17 10.82 26.48
N TYR B 178 3.76 11.34 25.33
CA TYR B 178 4.63 11.89 24.29
C TYR B 178 4.72 13.41 24.45
N GLU B 179 5.63 14.04 23.66
CA GLU B 179 5.85 15.49 23.82
C GLU B 179 4.77 16.32 23.15
N ASP B 180 4.33 15.87 21.99
CA ASP B 180 3.33 16.55 21.19
C ASP B 180 2.98 15.54 20.10
N TYR B 181 1.86 15.78 19.43
CA TYR B 181 1.43 14.90 18.33
C TYR B 181 2.57 14.59 17.39
N GLY B 182 3.43 15.58 17.10
CA GLY B 182 4.58 15.34 16.25
C GLY B 182 5.46 14.21 16.75
N ASP B 183 5.68 14.17 18.07
CA ASP B 183 6.42 13.06 18.68
C ASP B 183 5.63 11.76 18.59
N TYR B 184 4.33 11.79 18.94
CA TYR B 184 3.48 10.61 18.83
C TYR B 184 3.69 9.95 17.49
N TRP B 185 3.61 10.73 16.40
CA TRP B 185 3.83 10.18 15.08
C TRP B 185 5.24 9.65 14.92
N ARG B 186 6.24 10.39 15.34
CA ARG B 186 7.60 9.96 14.92
C ARG B 186 7.93 8.59 15.49
N GLY B 187 7.04 8.03 16.31
CA GLY B 187 7.33 6.76 16.99
C GLY B 187 6.84 5.58 16.20
N ASP B 188 6.63 5.75 14.89
CA ASP B 188 6.54 4.58 13.99
C ASP B 188 7.95 4.09 13.74
N TYR B 189 8.91 4.93 14.08
CA TYR B 189 10.31 4.74 13.66
C TYR B 189 11.13 4.40 14.91
N GLU B 190 10.47 4.30 16.05
CA GLU B 190 11.17 3.80 17.25
C GLU B 190 11.31 2.28 17.17
N ALA B 191 12.55 1.81 17.29
CA ALA B 191 12.85 0.42 17.66
C ALA B 191 13.46 0.42 19.05
N GLU B 192 12.98 -0.47 19.91
CA GLU B 192 13.76 -1.01 21.05
C GLU B 192 14.67 -2.11 20.50
N GLY B 193 14.09 -3.23 20.09
CA GLY B 193 14.83 -4.21 19.28
C GLY B 193 16.01 -4.82 20.00
N PRO B 194 16.94 -5.50 19.29
CA PRO B 194 18.10 -6.07 19.93
C PRO B 194 19.21 -5.05 20.20
N SER B 195 20.41 -5.56 20.37
CA SER B 195 21.59 -4.75 20.66
C SER B 195 22.21 -4.26 19.35
N GLY B 196 22.60 -2.99 19.33
CA GLY B 196 23.10 -2.41 18.09
C GLY B 196 22.04 -2.08 17.07
N TYR B 197 20.75 -2.21 17.42
CA TYR B 197 19.62 -1.99 16.53
C TYR B 197 18.61 -0.94 16.95
N ASP B 198 18.77 -0.33 18.11
CA ASP B 198 17.74 0.60 18.52
C ASP B 198 17.81 1.90 17.72
N TYR B 199 16.71 2.66 17.78
CA TYR B 199 16.52 3.89 17.04
C TYR B 199 15.51 4.71 17.84
N SER B 200 15.86 5.94 18.17
CA SER B 200 14.91 6.79 18.93
C SER B 200 14.13 7.65 17.95
N ARG B 201 13.16 8.39 18.46
CA ARG B 201 12.20 9.08 17.58
C ARG B 201 12.66 10.53 17.39
N ASP B 202 13.70 10.92 18.10
CA ASP B 202 14.28 12.26 17.86
C ASP B 202 15.44 12.12 16.90
N GLN B 203 15.70 10.91 16.39
CA GLN B 203 16.78 10.76 15.40
C GLN B 203 16.14 10.78 14.02
N LEU B 204 14.83 10.66 13.95
CA LEU B 204 14.17 10.70 12.63
C LEU B 204 14.45 12.08 12.06
N ILE B 205 14.16 13.12 12.84
CA ILE B 205 14.39 14.51 12.35
C ILE B 205 15.83 14.60 11.90
N GLU B 206 16.76 14.32 12.80
CA GLU B 206 18.20 14.47 12.54
C GLU B 206 18.51 13.81 11.20
N ASP B 207 18.01 12.60 11.01
CA ASP B 207 18.46 11.77 9.87
C ASP B 207 17.72 12.21 8.62
N VAL B 208 16.44 12.54 8.73
CA VAL B 208 15.69 13.22 7.63
C VAL B 208 16.46 14.45 7.17
N GLU B 209 16.89 15.29 8.11
CA GLU B 209 17.58 16.54 7.74
C GLU B 209 18.94 16.17 7.15
N ARG B 210 19.68 15.26 7.79
CA ARG B 210 20.99 14.92 7.26
C ARG B 210 20.89 14.51 5.79
N THR B 211 19.95 13.60 5.51
CA THR B 211 19.84 12.99 4.19
C THR B 211 19.21 13.98 3.19
N PHE B 212 18.40 14.90 3.70
CA PHE B 212 17.83 15.92 2.83
C PHE B 212 18.88 16.91 2.36
N ALA B 213 19.77 17.34 3.27
CA ALA B 213 20.85 18.23 2.87
C ALA B 213 21.64 17.63 1.70
N GLU B 214 21.84 16.32 1.74
CA GLU B 214 22.59 15.66 0.69
C GLU B 214 21.82 15.60 -0.62
N ILE B 215 20.47 15.63 -0.55
CA ILE B 215 19.69 15.75 -1.78
C ILE B 215 19.71 17.17 -2.37
N LYS B 216 19.68 18.21 -1.50
CA LYS B 216 19.48 19.61 -1.88
C LYS B 216 20.18 20.02 -3.18
N PRO B 217 21.42 19.59 -3.48
CA PRO B 217 22.02 20.01 -4.75
C PRO B 217 21.36 19.43 -6.02
N LEU B 218 21.18 18.11 -6.08
CA LEU B 218 20.43 17.53 -7.19
C LEU B 218 19.07 18.22 -7.37
N TYR B 219 18.42 18.59 -6.25
CA TYR B 219 17.13 19.24 -6.36
C TYR B 219 17.26 20.66 -6.85
N GLU B 220 18.27 21.37 -6.38
CA GLU B 220 18.48 22.74 -6.85
C GLU B 220 18.64 22.78 -8.35
N HIS B 221 19.49 21.91 -8.89
CA HIS B 221 19.67 21.91 -10.33
C HIS B 221 18.39 21.51 -11.05
N LEU B 222 17.68 20.47 -10.57
CA LEU B 222 16.41 20.16 -11.23
C LEU B 222 15.55 21.43 -11.32
N HIS B 223 15.35 22.08 -10.16
CA HIS B 223 14.61 23.34 -10.03
C HIS B 223 15.03 24.39 -11.05
N ALA B 224 16.33 24.68 -11.11
CA ALA B 224 16.81 25.64 -12.11
C ALA B 224 16.28 25.29 -13.48
N TYR B 225 16.52 24.03 -13.88
CA TYR B 225 16.15 23.58 -15.22
C TYR B 225 14.67 23.76 -15.49
N VAL B 226 13.82 23.45 -14.51
CA VAL B 226 12.40 23.51 -14.83
C VAL B 226 11.91 24.97 -14.81
N ARG B 227 12.44 25.86 -13.94
CA ARG B 227 11.96 27.25 -14.03
C ARG B 227 12.40 27.79 -15.38
N ALA B 228 13.56 27.32 -15.83
CA ALA B 228 14.08 27.77 -17.11
C ALA B 228 13.08 27.44 -18.19
N LYS B 229 12.57 26.19 -18.20
CA LYS B 229 11.62 25.84 -19.25
C LYS B 229 10.26 26.51 -19.04
N LEU B 230 9.75 26.49 -17.81
CA LEU B 230 8.45 27.08 -17.53
C LEU B 230 8.37 28.52 -18.01
N MET B 231 9.47 29.30 -17.96
CA MET B 231 9.44 30.63 -18.59
C MET B 231 8.94 30.59 -20.03
N ASP B 232 9.46 29.65 -20.85
CA ASP B 232 8.98 29.43 -22.22
C ASP B 232 7.46 29.30 -22.33
N THR B 233 6.76 29.09 -21.23
CA THR B 233 5.35 28.80 -21.24
C THR B 233 4.55 29.83 -20.51
N TYR B 234 5.15 30.44 -19.49
CA TYR B 234 4.54 31.52 -18.73
C TYR B 234 5.54 32.66 -18.68
N PRO B 235 5.97 33.17 -19.83
CA PRO B 235 6.89 34.31 -19.81
C PRO B 235 6.17 35.45 -19.16
N SER B 236 6.92 36.28 -18.46
CA SER B 236 6.39 37.47 -17.77
C SER B 236 5.70 37.09 -16.48
N HIS B 237 5.64 35.81 -16.13
CA HIS B 237 5.13 35.39 -14.85
C HIS B 237 6.18 34.74 -13.98
N ILE B 238 7.31 34.37 -14.56
CA ILE B 238 8.32 33.57 -13.88
C ILE B 238 9.67 34.29 -13.93
N ASN B 239 10.18 34.64 -12.76
CA ASN B 239 11.44 35.33 -12.60
C ASN B 239 12.59 34.34 -12.62
N PRO B 240 13.61 34.53 -13.49
CA PRO B 240 14.67 33.51 -13.61
C PRO B 240 15.56 33.39 -12.39
N THR B 241 15.18 34.03 -11.28
CA THR B 241 15.94 33.97 -10.05
C THR B 241 15.08 33.79 -8.82
N GLY B 242 13.76 33.79 -8.95
CA GLY B 242 12.86 33.69 -7.82
C GLY B 242 12.39 32.28 -7.61
N CYS B 243 11.46 32.13 -6.70
CA CYS B 243 10.95 30.78 -6.47
C CYS B 243 9.97 30.49 -7.61
N LEU B 244 9.39 29.31 -7.64
CA LEU B 244 8.46 28.96 -8.74
C LEU B 244 7.03 29.13 -8.27
N PRO B 245 6.20 29.94 -8.98
CA PRO B 245 4.81 30.09 -8.61
C PRO B 245 4.06 28.76 -8.43
N ALA B 246 3.30 28.64 -7.35
CA ALA B 246 2.83 27.37 -6.77
C ALA B 246 1.77 26.72 -7.63
N HIS B 247 1.15 27.51 -8.49
CA HIS B 247 -0.09 27.03 -9.15
C HIS B 247 0.26 26.42 -10.48
N LEU B 248 1.55 26.23 -10.71
CA LEU B 248 2.08 26.08 -12.07
C LEU B 248 2.77 24.73 -12.12
N LEU B 249 2.63 23.94 -11.03
CA LEU B 249 3.55 22.83 -10.84
C LEU B 249 3.00 21.46 -11.18
N GLY B 250 1.78 21.32 -11.67
CA GLY B 250 1.33 19.96 -11.96
C GLY B 250 0.20 19.42 -11.10
N ASP B 251 0.27 19.55 -9.76
CA ASP B 251 -0.79 19.28 -8.79
C ASP B 251 -1.46 20.59 -8.39
N MET B 252 -2.54 20.44 -7.60
CA MET B 252 -3.11 21.50 -6.75
C MET B 252 -2.11 21.90 -5.66
N TRP B 253 -1.01 21.20 -5.58
CA TRP B 253 0.00 21.52 -4.58
C TRP B 253 1.39 21.59 -5.16
N GLY B 254 1.64 20.94 -6.27
CA GLY B 254 3.00 20.66 -6.59
C GLY B 254 3.59 19.60 -5.68
N ARG B 255 2.79 18.66 -5.19
CA ARG B 255 3.38 17.52 -4.52
C ARG B 255 4.35 16.79 -5.44
N PHE B 256 3.93 16.53 -6.66
CA PHE B 256 4.82 15.99 -7.68
C PHE B 256 4.81 16.93 -8.88
N TRP B 257 5.97 17.07 -9.51
CA TRP B 257 6.03 17.84 -10.74
C TRP B 257 5.77 17.00 -11.98
N THR B 258 5.69 15.69 -11.83
CA THR B 258 5.43 14.78 -12.94
C THR B 258 4.63 15.38 -14.11
N ASN B 259 3.51 16.05 -13.84
CA ASN B 259 2.67 16.53 -14.94
C ASN B 259 3.26 17.73 -15.67
N LEU B 260 4.48 18.13 -15.28
CA LEU B 260 5.26 19.13 -15.97
C LEU B 260 6.14 18.52 -17.02
N TYR B 261 6.09 17.19 -17.20
CA TYR B 261 6.98 16.53 -18.15
C TYR B 261 6.79 17.10 -19.55
N SER B 262 5.53 17.25 -20.01
CA SER B 262 5.24 17.83 -21.32
C SER B 262 6.20 18.89 -21.67
N LEU B 263 6.35 19.84 -20.73
CA LEU B 263 6.99 21.13 -20.90
C LEU B 263 8.47 21.09 -20.63
N THR B 264 8.99 20.03 -20.04
CA THR B 264 10.37 20.06 -19.61
C THR B 264 11.22 18.95 -20.21
N VAL B 265 10.62 18.01 -20.94
CA VAL B 265 11.32 16.95 -21.63
C VAL B 265 12.51 17.54 -22.37
N PRO B 266 13.68 16.95 -22.23
CA PRO B 266 14.86 17.49 -22.89
C PRO B 266 14.90 17.18 -24.37
N PHE B 267 14.70 15.90 -24.69
CA PHE B 267 14.68 15.43 -26.07
C PHE B 267 13.29 14.88 -26.37
N GLY B 268 12.42 15.73 -26.91
CA GLY B 268 11.05 15.40 -27.20
C GLY B 268 10.78 14.71 -28.53
N GLN B 269 11.67 14.85 -29.51
CA GLN B 269 11.44 14.13 -30.76
C GLN B 269 11.51 12.62 -30.57
N LYS B 270 12.18 12.13 -29.53
CA LYS B 270 12.29 10.70 -29.26
C LYS B 270 10.96 10.08 -28.84
N PRO B 271 10.89 8.74 -28.84
CA PRO B 271 9.67 8.04 -28.41
C PRO B 271 9.32 8.32 -26.95
N ASN B 272 8.04 8.51 -26.68
CA ASN B 272 7.63 9.16 -25.43
C ASN B 272 7.74 8.21 -24.24
N ILE B 273 8.61 8.57 -23.31
CA ILE B 273 8.75 7.83 -22.06
C ILE B 273 7.43 7.81 -21.32
N ASP B 274 6.79 8.96 -21.22
CA ASP B 274 5.43 8.99 -20.73
C ASP B 274 4.57 8.16 -21.70
N VAL B 275 4.11 7.01 -21.25
CA VAL B 275 3.47 6.06 -22.16
C VAL B 275 1.95 6.23 -22.16
N THR B 276 1.45 7.37 -21.68
CA THR B 276 0.00 7.59 -21.68
C THR B 276 -0.57 7.51 -23.07
N ASP B 277 0.07 8.20 -24.02
CA ASP B 277 -0.45 8.24 -25.38
C ASP B 277 -0.45 6.84 -26.00
N ALA B 278 0.57 6.04 -25.72
CA ALA B 278 0.57 4.71 -26.27
C ALA B 278 -0.57 3.88 -25.70
N MET B 279 -0.75 3.94 -24.38
CA MET B 279 -1.84 3.24 -23.72
C MET B 279 -3.16 3.56 -24.39
N VAL B 280 -3.44 4.84 -24.61
CA VAL B 280 -4.71 5.19 -25.23
C VAL B 280 -4.77 4.69 -26.68
N ASP B 281 -3.66 4.79 -27.43
CA ASP B 281 -3.70 4.23 -28.78
C ASP B 281 -3.91 2.73 -28.82
N GLN B 282 -3.68 2.03 -27.74
CA GLN B 282 -3.84 0.58 -27.80
C GLN B 282 -5.11 0.09 -27.09
N SER B 283 -6.06 0.99 -26.82
CA SER B 283 -7.25 0.70 -26.01
C SER B 283 -6.91 -0.08 -24.73
N TRP B 284 -6.08 0.52 -23.89
CA TRP B 284 -5.84 -0.08 -22.58
C TRP B 284 -6.92 0.32 -21.59
N ASP B 285 -7.61 -0.65 -21.01
CA ASP B 285 -8.63 -0.41 -20.01
C ASP B 285 -8.02 -0.69 -18.63
N ALA B 286 -8.74 -0.30 -17.56
CA ALA B 286 -8.24 -0.53 -16.21
C ALA B 286 -7.94 -2.01 -15.98
N LYS B 287 -8.80 -2.91 -16.48
CA LYS B 287 -8.51 -4.33 -16.39
C LYS B 287 -7.15 -4.65 -16.98
N ARG B 288 -6.83 -4.06 -18.15
CA ARG B 288 -5.55 -4.31 -18.78
C ARG B 288 -4.42 -3.92 -17.84
N ILE B 289 -4.56 -2.75 -17.20
CA ILE B 289 -3.51 -2.24 -16.32
C ILE B 289 -3.28 -3.21 -15.18
N PHE B 290 -4.35 -3.60 -14.51
CA PHE B 290 -4.17 -4.42 -13.34
C PHE B 290 -3.68 -5.80 -13.71
N GLU B 291 -4.15 -6.36 -14.84
CA GLU B 291 -3.62 -7.63 -15.33
C GLU B 291 -2.13 -7.53 -15.58
N GLU B 292 -1.69 -6.53 -16.33
CA GLU B 292 -0.26 -6.38 -16.57
C GLU B 292 0.52 -6.25 -15.27
N ALA B 293 -0.03 -5.55 -14.28
CA ALA B 293 0.67 -5.43 -13.00
C ALA B 293 0.79 -6.79 -12.34
N GLU B 294 -0.34 -7.50 -12.24
CA GLU B 294 -0.35 -8.87 -11.77
C GLU B 294 0.77 -9.66 -12.44
N LYS B 295 0.83 -9.58 -13.76
CA LYS B 295 1.76 -10.43 -14.47
C LYS B 295 3.20 -10.07 -14.10
N PHE B 296 3.50 -8.79 -13.88
CA PHE B 296 4.81 -8.43 -13.34
C PHE B 296 5.08 -9.20 -12.07
N PHE B 297 4.13 -9.11 -11.15
CA PHE B 297 4.37 -9.68 -9.83
C PHE B 297 4.60 -11.18 -9.93
N VAL B 298 3.83 -11.85 -10.77
CA VAL B 298 4.06 -13.27 -11.03
C VAL B 298 5.46 -13.50 -11.59
N SER B 299 5.92 -12.67 -12.54
CA SER B 299 7.18 -13.01 -13.20
C SER B 299 8.32 -13.02 -12.21
N VAL B 300 8.25 -12.21 -11.14
CA VAL B 300 9.32 -12.31 -10.13
C VAL B 300 9.08 -13.41 -9.10
N GLY B 301 8.01 -14.20 -9.22
CA GLY B 301 7.81 -15.35 -8.36
C GLY B 301 6.98 -15.12 -7.13
N LEU B 302 6.31 -13.97 -7.12
CA LEU B 302 5.42 -13.51 -6.04
C LEU B 302 4.02 -13.90 -6.50
N PRO B 303 3.01 -14.17 -5.61
CA PRO B 303 1.75 -14.73 -6.07
C PRO B 303 0.95 -13.80 -6.99
N ASN B 304 0.04 -14.42 -7.75
CA ASN B 304 -1.02 -13.70 -8.48
C ASN B 304 -2.11 -13.28 -7.48
N MET B 305 -3.03 -12.43 -7.93
CA MET B 305 -4.03 -11.86 -7.01
C MET B 305 -5.16 -12.87 -6.82
N THR B 306 -5.74 -12.89 -5.63
CA THR B 306 -6.76 -13.85 -5.29
C THR B 306 -8.04 -13.54 -6.02
N GLN B 307 -8.79 -14.60 -6.32
CA GLN B 307 -10.12 -14.46 -6.88
C GLN B 307 -10.94 -13.39 -6.18
N GLY B 308 -10.90 -13.37 -4.85
CA GLY B 308 -11.63 -12.34 -4.11
C GLY B 308 -11.20 -10.95 -4.49
N PHE B 309 -9.89 -10.77 -4.74
CA PHE B 309 -9.37 -9.50 -5.23
C PHE B 309 -10.05 -9.08 -6.52
N TRP B 310 -10.16 -10.01 -7.49
CA TRP B 310 -10.84 -9.67 -8.74
C TRP B 310 -12.35 -9.56 -8.58
N GLU B 311 -12.94 -10.23 -7.59
CA GLU B 311 -14.38 -10.13 -7.43
C GLU B 311 -14.80 -8.83 -6.79
N ASN B 312 -14.03 -8.36 -5.81
CA ASN B 312 -14.45 -7.22 -4.99
C ASN B 312 -13.58 -5.99 -5.00
N SER B 313 -12.48 -5.96 -5.73
CA SER B 313 -11.81 -4.69 -5.89
C SER B 313 -12.78 -3.72 -6.58
N MET B 314 -12.50 -2.42 -6.45
CA MET B 314 -13.16 -1.40 -7.24
C MET B 314 -12.06 -0.73 -8.07
N LEU B 315 -11.96 -1.15 -9.33
CA LEU B 315 -10.88 -0.74 -10.19
C LEU B 315 -11.25 0.38 -11.17
N THR B 316 -12.47 0.90 -11.14
CA THR B 316 -12.80 2.13 -11.85
C THR B 316 -13.82 2.87 -11.01
N GLU B 317 -14.13 4.09 -11.40
CA GLU B 317 -15.26 4.77 -10.76
C GLU B 317 -16.54 4.11 -11.22
N PRO B 318 -17.36 3.61 -10.32
CA PRO B 318 -18.54 2.85 -10.74
C PRO B 318 -19.49 3.71 -11.56
N GLY B 319 -20.20 3.06 -12.47
CA GLY B 319 -21.14 3.72 -13.34
C GLY B 319 -22.55 3.79 -12.84
N ASP B 320 -22.86 3.16 -11.71
CA ASP B 320 -24.22 3.16 -11.19
C ASP B 320 -24.59 4.45 -10.45
N GLY B 321 -23.80 5.52 -10.59
CA GLY B 321 -24.07 6.78 -9.91
C GLY B 321 -23.66 6.88 -8.45
N ARG B 322 -23.34 5.75 -7.79
CA ARG B 322 -22.78 5.78 -6.45
C ARG B 322 -21.66 6.82 -6.32
N LYS B 323 -21.58 7.46 -5.17
CA LYS B 323 -20.48 8.36 -4.88
C LYS B 323 -19.50 7.60 -4.00
N VAL B 324 -18.22 7.53 -4.41
CA VAL B 324 -17.24 6.67 -3.78
C VAL B 324 -16.03 7.52 -3.46
N VAL B 325 -15.11 6.98 -2.66
CA VAL B 325 -13.85 7.66 -2.41
C VAL B 325 -12.79 7.10 -3.35
N CYS B 326 -12.11 8.00 -4.04
CA CYS B 326 -11.26 7.62 -5.14
C CYS B 326 -9.80 7.53 -4.73
N HIS B 327 -9.46 8.06 -3.57
CA HIS B 327 -8.07 8.12 -3.18
C HIS B 327 -7.50 6.69 -3.10
N PRO B 328 -6.52 6.35 -3.93
CA PRO B 328 -6.19 4.93 -4.16
C PRO B 328 -5.63 4.28 -2.91
N THR B 329 -6.29 3.22 -2.45
CA THR B 329 -5.87 2.53 -1.23
C THR B 329 -5.91 1.02 -1.46
N ALA B 330 -5.05 0.32 -0.72
CA ALA B 330 -4.85 -1.12 -0.87
C ALA B 330 -5.28 -1.81 0.43
N TRP B 331 -6.52 -2.31 0.45
CA TRP B 331 -7.13 -2.82 1.68
C TRP B 331 -6.73 -4.27 1.99
N ASP B 332 -6.28 -4.46 3.22
CA ASP B 332 -6.20 -5.77 3.85
C ASP B 332 -7.40 -5.88 4.81
N LEU B 333 -8.48 -6.51 4.35
CA LEU B 333 -9.64 -6.62 5.20
C LEU B 333 -9.48 -7.72 6.23
N GLY B 334 -8.40 -8.48 6.15
CA GLY B 334 -8.22 -9.62 7.01
C GLY B 334 -9.00 -10.83 6.54
N LYS B 335 -8.68 -11.98 7.14
CA LYS B 335 -9.29 -13.24 6.74
C LYS B 335 -8.96 -13.55 5.28
N GLY B 336 -7.80 -13.09 4.81
CA GLY B 336 -7.41 -13.33 3.43
C GLY B 336 -8.18 -12.54 2.39
N ASP B 337 -9.01 -11.60 2.80
CA ASP B 337 -9.70 -10.72 1.89
C ASP B 337 -8.79 -9.53 1.57
N PHE B 338 -8.43 -9.38 0.30
CA PHE B 338 -7.56 -8.29 -0.14
C PHE B 338 -8.20 -7.56 -1.31
N ARG B 339 -8.22 -6.23 -1.24
CA ARG B 339 -8.93 -5.50 -2.26
C ARG B 339 -8.11 -4.26 -2.65
N ILE B 340 -8.44 -3.69 -3.80
CA ILE B 340 -8.03 -2.33 -4.11
C ILE B 340 -9.24 -1.43 -4.38
N LYS B 341 -9.12 -0.18 -3.97
CA LYS B 341 -10.07 0.88 -4.27
C LYS B 341 -9.31 1.96 -5.03
N MET B 342 -9.81 2.33 -6.23
CA MET B 342 -9.01 3.17 -7.15
C MET B 342 -9.80 3.59 -8.39
N CYS B 343 -10.08 4.88 -8.54
CA CYS B 343 -10.88 5.27 -9.72
C CYS B 343 -9.85 5.35 -10.84
N THR B 344 -9.65 4.27 -11.58
CA THR B 344 -8.51 4.21 -12.49
C THR B 344 -8.85 4.86 -13.82
N LYS B 345 -7.87 5.54 -14.41
CA LYS B 345 -7.96 6.15 -15.74
C LYS B 345 -6.75 5.72 -16.55
N VAL B 346 -6.79 5.88 -17.87
CA VAL B 346 -5.68 5.35 -18.68
C VAL B 346 -4.51 6.34 -18.69
N THR B 347 -3.57 6.17 -17.75
CA THR B 347 -2.51 7.13 -17.55
C THR B 347 -1.28 6.39 -17.11
N MET B 348 -0.11 6.72 -17.67
CA MET B 348 1.08 6.10 -17.11
C MET B 348 1.12 6.30 -15.62
N ASP B 349 0.38 7.29 -15.11
CA ASP B 349 0.38 7.51 -13.67
C ASP B 349 -0.42 6.42 -12.98
N ASP B 350 -1.70 6.20 -13.38
CA ASP B 350 -2.41 5.09 -12.73
C ASP B 350 -1.83 3.71 -13.10
N PHE B 351 -1.08 3.58 -14.18
CA PHE B 351 -0.36 2.34 -14.42
C PHE B 351 0.72 2.13 -13.37
N LEU B 352 1.57 3.13 -13.17
CA LEU B 352 2.54 3.02 -12.09
C LEU B 352 1.84 2.87 -10.75
N THR B 353 0.72 3.57 -10.57
CA THR B 353 0.00 3.50 -9.31
C THR B 353 -0.55 2.11 -9.08
N ALA B 354 -1.07 1.47 -10.11
CA ALA B 354 -1.53 0.09 -9.96
C ALA B 354 -0.39 -0.81 -9.52
N HIS B 355 0.80 -0.65 -10.12
CA HIS B 355 1.93 -1.46 -9.61
C HIS B 355 2.19 -1.18 -8.13
N HIS B 356 2.17 0.08 -7.73
CA HIS B 356 2.43 0.46 -6.34
C HIS B 356 1.41 -0.19 -5.41
N GLU B 357 0.14 0.00 -5.73
CA GLU B 357 -0.95 -0.48 -4.91
C GLU B 357 -1.02 -1.99 -4.90
N MET B 358 -0.55 -2.63 -5.95
CA MET B 358 -0.57 -4.09 -5.87
C MET B 358 0.65 -4.58 -5.06
N GLY B 359 1.75 -3.82 -5.08
CA GLY B 359 2.84 -4.10 -4.16
C GLY B 359 2.40 -4.08 -2.71
N HIS B 360 1.59 -3.06 -2.34
CA HIS B 360 0.99 -3.07 -1.00
C HIS B 360 0.28 -4.38 -0.68
N ILE B 361 -0.57 -4.85 -1.61
CA ILE B 361 -1.30 -6.09 -1.42
C ILE B 361 -0.35 -7.26 -1.23
N GLN B 362 0.84 -7.20 -1.82
CA GLN B 362 1.76 -8.36 -1.67
C GLN B 362 2.40 -8.39 -0.29
N TYR B 363 2.76 -7.25 0.29
CA TYR B 363 3.31 -7.20 1.66
C TYR B 363 2.18 -7.64 2.57
N ASP B 364 0.97 -7.26 2.18
CA ASP B 364 -0.24 -7.54 2.99
C ASP B 364 -0.45 -9.05 3.00
N MET B 365 -0.25 -9.71 1.86
CA MET B 365 -0.55 -11.14 1.74
C MET B 365 0.51 -11.88 2.52
N ALA B 366 1.70 -11.30 2.55
CA ALA B 366 2.89 -12.05 2.96
C ALA B 366 2.90 -12.19 4.47
N TYR B 367 2.42 -11.18 5.16
CA TYR B 367 2.64 -11.09 6.62
C TYR B 367 1.43 -11.63 7.35
N ALA B 368 0.52 -12.25 6.61
CA ALA B 368 -0.74 -12.77 7.18
C ALA B 368 -0.43 -14.06 7.90
N VAL B 369 0.83 -14.44 7.83
CA VAL B 369 1.44 -15.65 8.44
C VAL B 369 1.96 -15.26 9.82
N GLN B 370 1.81 -13.99 10.18
CA GLN B 370 2.35 -13.46 11.45
C GLN B 370 1.18 -13.22 12.38
N PRO B 371 1.37 -13.29 13.70
CA PRO B 371 0.29 -13.03 14.63
C PRO B 371 -0.41 -11.70 14.36
N TYR B 372 -1.70 -11.63 14.65
CA TYR B 372 -2.45 -10.44 14.24
C TYR B 372 -1.72 -9.14 14.58
N LEU B 373 -1.13 -9.03 15.78
CA LEU B 373 -0.59 -7.73 16.18
C LEU B 373 0.64 -7.34 15.39
N LEU B 374 1.28 -8.28 14.72
CA LEU B 374 2.52 -8.04 14.02
C LEU B 374 2.34 -7.94 12.51
N ARG B 375 1.10 -8.01 12.02
CA ARG B 375 0.91 -8.04 10.59
C ARG B 375 0.63 -6.59 10.18
N ASN B 376 1.75 -5.83 10.17
CA ASN B 376 1.88 -4.46 9.66
C ASN B 376 3.28 -4.34 9.05
N GLY B 377 3.44 -3.55 7.99
CA GLY B 377 4.78 -3.18 7.53
C GLY B 377 5.71 -2.65 8.63
N ALA B 378 7.05 -2.73 8.42
CA ALA B 378 7.99 -2.53 9.54
C ALA B 378 7.94 -1.10 10.04
N ASN B 379 8.10 -0.17 9.12
CA ASN B 379 7.65 1.24 9.30
C ASN B 379 6.73 1.58 8.14
N GLU B 380 6.22 2.80 8.15
CA GLU B 380 5.24 3.29 7.16
C GLU B 380 5.94 3.53 5.83
N GLY B 381 7.25 3.74 5.88
CA GLY B 381 8.05 3.88 4.67
C GLY B 381 8.20 2.56 3.98
N PHE B 382 8.42 1.49 4.72
CA PHE B 382 8.65 0.19 4.07
C PHE B 382 7.49 -0.12 3.14
N HIS B 383 6.27 0.01 3.62
CA HIS B 383 5.10 -0.41 2.83
C HIS B 383 5.06 0.34 1.51
N GLU B 384 5.33 1.64 1.56
CA GLU B 384 5.17 2.52 0.40
C GLU B 384 6.42 2.41 -0.45
N ALA B 385 7.52 1.97 0.13
CA ALA B 385 8.75 1.71 -0.64
C ALA B 385 8.60 0.46 -1.48
N VAL B 386 8.12 -0.62 -0.89
CA VAL B 386 7.87 -1.90 -1.61
C VAL B 386 6.96 -1.59 -2.78
N GLY B 387 5.96 -0.77 -2.55
CA GLY B 387 5.14 -0.28 -3.67
C GLY B 387 5.99 0.45 -4.68
N GLU B 388 6.82 1.39 -4.23
CA GLU B 388 7.48 2.16 -5.32
C GLU B 388 8.56 1.38 -6.04
N ILE B 389 9.13 0.32 -5.44
CA ILE B 389 10.09 -0.52 -6.15
C ILE B 389 9.48 -1.09 -7.43
N MET B 390 8.22 -1.52 -7.34
CA MET B 390 7.55 -2.02 -8.53
C MET B 390 7.52 -0.96 -9.62
N SER B 391 7.14 0.29 -9.28
CA SER B 391 7.17 1.36 -10.29
C SER B 391 8.55 1.56 -10.86
N LEU B 392 9.59 1.50 -10.02
CA LEU B 392 10.95 1.64 -10.52
C LEU B 392 11.23 0.67 -11.67
N SER B 393 10.93 -0.61 -11.46
CA SER B 393 11.18 -1.55 -12.55
C SER B 393 10.16 -1.36 -13.69
N ALA B 394 8.94 -0.95 -13.39
CA ALA B 394 7.91 -0.95 -14.41
C ALA B 394 7.92 0.30 -15.25
N ALA B 395 8.74 1.29 -14.91
CA ALA B 395 8.76 2.51 -15.69
C ALA B 395 9.98 2.62 -16.55
N THR B 396 10.97 1.75 -16.36
CA THR B 396 12.18 1.78 -17.17
C THR B 396 11.82 1.48 -18.62
N PRO B 397 12.39 2.20 -19.58
CA PRO B 397 11.94 2.04 -20.97
C PRO B 397 12.02 0.61 -21.46
N ASN B 398 13.00 -0.15 -20.98
CA ASN B 398 13.10 -1.57 -21.33
C ASN B 398 11.79 -2.32 -21.05
N HIS B 399 11.33 -2.29 -19.79
CA HIS B 399 10.07 -2.93 -19.45
C HIS B 399 8.90 -2.35 -20.25
N LEU B 400 8.92 -1.04 -20.50
CA LEU B 400 7.87 -0.44 -21.31
C LEU B 400 7.81 -1.10 -22.68
N LYS B 401 8.97 -1.31 -23.29
CA LYS B 401 9.08 -2.04 -24.55
C LYS B 401 8.43 -3.40 -24.42
N ALA B 402 8.97 -4.23 -23.53
CA ALA B 402 8.54 -5.63 -23.45
C ALA B 402 7.07 -5.78 -23.11
N ILE B 403 6.45 -4.74 -22.53
CA ILE B 403 5.00 -4.66 -22.30
C ILE B 403 4.23 -4.39 -23.60
N GLY B 404 4.85 -3.66 -24.53
CA GLY B 404 4.21 -3.24 -25.78
C GLY B 404 4.14 -1.73 -25.97
N LEU B 405 4.29 -0.97 -24.88
CA LEU B 405 4.02 0.46 -24.88
C LEU B 405 5.21 1.28 -25.35
N LEU B 406 6.16 0.65 -26.05
CA LEU B 406 7.14 1.38 -26.84
C LEU B 406 7.28 0.58 -28.13
N PRO B 407 7.38 1.20 -29.27
CA PRO B 407 7.36 0.52 -30.55
C PRO B 407 8.45 -0.53 -30.58
N PRO B 408 8.30 -1.61 -31.37
CA PRO B 408 9.22 -2.75 -31.34
C PRO B 408 10.64 -2.42 -31.78
N ASP B 409 10.83 -1.44 -32.65
CA ASP B 409 12.14 -0.99 -33.09
C ASP B 409 12.85 -0.06 -32.10
N PHE B 410 12.36 0.06 -30.86
CA PHE B 410 12.91 1.01 -29.91
C PHE B 410 14.27 0.56 -29.39
N TYR B 411 15.15 1.53 -29.15
CA TYR B 411 16.48 1.23 -28.62
C TYR B 411 17.01 2.41 -27.83
N GLU B 412 17.44 2.16 -26.60
CA GLU B 412 17.80 3.28 -25.75
C GLU B 412 19.06 3.96 -26.26
N ASP B 413 19.10 5.27 -26.07
CA ASP B 413 20.32 6.03 -26.31
C ASP B 413 20.37 7.18 -25.32
N SER B 414 21.55 7.78 -25.21
CA SER B 414 21.83 8.66 -24.08
C SER B 414 20.83 9.79 -23.95
N GLU B 415 20.12 10.12 -25.03
CA GLU B 415 19.09 11.15 -24.97
C GLU B 415 17.82 10.64 -24.28
N THR B 416 17.39 9.40 -24.58
CA THR B 416 16.22 8.85 -23.91
C THR B 416 16.50 8.44 -22.47
N GLU B 417 17.73 8.02 -22.17
CA GLU B 417 18.17 7.91 -20.78
C GLU B 417 17.91 9.19 -20.00
N ILE B 418 18.25 10.34 -20.58
CA ILE B 418 18.08 11.60 -19.81
C ILE B 418 16.59 11.92 -19.72
N ASN B 419 15.87 11.66 -20.79
CA ASN B 419 14.41 11.88 -20.79
C ASN B 419 13.81 11.18 -19.58
N PHE B 420 14.10 9.90 -19.42
CA PHE B 420 13.49 9.03 -18.40
C PHE B 420 13.81 9.58 -17.01
N LEU B 421 15.07 9.85 -16.78
CA LEU B 421 15.55 10.26 -15.45
C LEU B 421 15.07 11.66 -15.13
N LEU B 422 14.56 12.43 -16.10
CA LEU B 422 13.91 13.73 -15.82
C LEU B 422 12.50 13.47 -15.29
N LYS B 423 11.70 12.66 -15.99
CA LYS B 423 10.35 12.39 -15.48
C LYS B 423 10.49 11.79 -14.10
N GLN B 424 11.43 10.87 -13.94
CA GLN B 424 11.48 10.07 -12.72
C GLN B 424 12.14 10.93 -11.65
N ALA B 425 12.48 12.17 -11.98
CA ALA B 425 13.04 13.09 -10.99
C ALA B 425 11.95 14.08 -10.61
N LEU B 426 11.23 14.51 -11.62
CA LEU B 426 10.02 15.29 -11.38
C LEU B 426 9.25 14.51 -10.33
N THR B 427 9.12 13.20 -10.47
CA THR B 427 8.19 12.54 -9.56
C THR B 427 8.85 12.22 -8.22
N ILE B 428 10.05 11.63 -8.24
CA ILE B 428 10.80 11.29 -7.04
C ILE B 428 11.53 12.50 -6.43
N VAL B 429 12.62 12.97 -7.05
CA VAL B 429 13.36 14.09 -6.48
C VAL B 429 12.46 15.29 -6.20
N GLY B 430 11.35 15.42 -6.95
CA GLY B 430 10.52 16.60 -6.78
C GLY B 430 9.77 16.58 -5.47
N THR B 431 9.25 15.43 -5.08
CA THR B 431 8.40 15.43 -3.90
C THR B 431 9.19 15.46 -2.60
N LEU B 432 10.53 15.38 -2.68
CA LEU B 432 11.34 15.33 -1.47
C LEU B 432 11.28 16.63 -0.67
N PRO B 433 11.59 17.83 -1.20
CA PRO B 433 11.46 19.02 -0.38
C PRO B 433 10.05 19.41 0.10
N PHE B 434 9.03 19.01 -0.64
CA PHE B 434 7.62 19.23 -0.28
C PHE B 434 7.35 18.46 0.98
N THR B 435 7.72 17.19 0.96
CA THR B 435 7.42 16.27 2.07
C THR B 435 8.16 16.74 3.32
N TYR B 436 9.43 17.13 3.20
CA TYR B 436 10.16 17.60 4.39
C TYR B 436 9.48 18.84 4.97
N MET B 437 9.23 19.83 4.15
CA MET B 437 8.66 21.10 4.65
C MET B 437 7.31 20.80 5.32
N LEU B 438 6.39 20.16 4.64
CA LEU B 438 5.01 20.07 5.16
C LEU B 438 5.09 19.55 6.57
N GLU B 439 5.96 18.57 6.80
CA GLU B 439 6.03 17.90 8.12
C GLU B 439 6.90 18.67 9.09
N LYS B 440 7.92 19.38 8.62
CA LYS B 440 8.62 20.29 9.55
C LYS B 440 7.59 21.29 10.06
N TRP B 441 6.77 21.85 9.19
CA TRP B 441 5.73 22.80 9.64
C TRP B 441 4.87 22.10 10.69
N ARG B 442 4.29 20.98 10.31
CA ARG B 442 3.42 20.23 11.23
C ARG B 442 4.18 20.00 12.54
N TRP B 443 5.31 19.31 12.50
CA TRP B 443 6.03 18.95 13.75
C TRP B 443 6.26 20.20 14.60
N MET B 444 6.53 21.33 13.97
CA MET B 444 6.92 22.56 14.69
C MET B 444 5.67 23.22 15.24
N VAL B 445 4.59 23.24 14.47
CA VAL B 445 3.27 23.73 14.97
C VAL B 445 2.91 22.90 16.20
N PHE B 446 3.19 21.60 16.13
CA PHE B 446 2.87 20.67 17.20
C PHE B 446 3.75 21.00 18.40
N LYS B 447 5.06 21.10 18.20
CA LYS B 447 5.89 21.53 19.33
C LYS B 447 5.45 22.86 19.88
N GLY B 448 4.73 23.65 19.07
CA GLY B 448 4.44 25.03 19.44
C GLY B 448 5.58 26.00 19.21
N GLU B 449 6.53 25.68 18.31
CA GLU B 449 7.50 26.65 17.83
C GLU B 449 6.86 27.72 16.94
N ILE B 450 5.63 27.50 16.47
CA ILE B 450 4.94 28.31 15.48
C ILE B 450 3.56 28.60 16.03
N PRO B 451 3.29 29.80 16.53
CA PRO B 451 1.95 30.10 17.07
C PRO B 451 0.93 30.36 15.98
N LYS B 452 -0.35 30.35 16.38
CA LYS B 452 -1.46 30.54 15.45
C LYS B 452 -1.29 31.79 14.61
N GLU B 453 -0.58 32.79 15.10
CA GLU B 453 -0.52 34.07 14.43
C GLU B 453 0.61 34.11 13.42
N GLU B 454 1.23 32.95 13.13
CA GLU B 454 2.22 32.78 12.10
C GLU B 454 2.02 31.55 11.22
N TRP B 455 0.90 30.84 11.38
CA TRP B 455 0.68 29.55 10.72
C TRP B 455 0.85 29.64 9.22
N MET B 456 0.28 30.67 8.60
CA MET B 456 0.51 30.83 7.17
C MET B 456 1.74 31.68 6.87
N LYS B 457 2.22 32.47 7.82
CA LYS B 457 3.47 33.18 7.58
C LYS B 457 4.60 32.18 7.46
N LYS B 458 4.85 31.44 8.53
CA LYS B 458 5.96 30.46 8.46
C LYS B 458 5.81 29.51 7.27
N TRP B 459 4.59 29.11 6.92
CA TRP B 459 4.37 28.10 5.85
C TRP B 459 5.07 28.58 4.61
N TRP B 460 4.82 29.82 4.23
CA TRP B 460 5.23 30.33 2.91
C TRP B 460 6.63 30.93 3.03
N GLU B 461 7.09 31.10 4.26
CA GLU B 461 8.49 31.47 4.54
C GLU B 461 9.34 30.23 4.33
N MET B 462 8.79 29.08 4.67
CA MET B 462 9.53 27.81 4.61
C MET B 462 9.35 27.23 3.22
N LYS B 463 8.25 27.52 2.56
CA LYS B 463 7.99 26.91 1.24
C LYS B 463 8.88 27.63 0.25
N ARG B 464 9.22 28.85 0.59
CA ARG B 464 10.07 29.66 -0.28
C ARG B 464 11.53 29.32 0.01
N GLU B 465 11.87 28.96 1.24
CA GLU B 465 13.29 28.59 1.48
C GLU B 465 13.57 27.13 1.10
N ILE B 466 12.81 26.19 1.64
CA ILE B 466 13.16 24.76 1.52
C ILE B 466 12.81 24.28 0.12
N VAL B 467 11.66 24.70 -0.40
CA VAL B 467 11.06 24.04 -1.58
C VAL B 467 11.30 24.89 -2.82
N GLY B 468 11.28 26.19 -2.69
CA GLY B 468 11.59 27.00 -3.87
C GLY B 468 10.34 27.36 -4.61
N VAL B 469 9.26 27.52 -3.86
CA VAL B 469 7.88 27.66 -4.40
C VAL B 469 7.22 28.81 -3.66
N VAL B 470 6.54 29.69 -4.39
CA VAL B 470 6.07 31.01 -3.88
C VAL B 470 4.56 31.13 -4.08
N GLU B 471 3.82 31.60 -3.07
CA GLU B 471 2.40 31.78 -3.24
C GLU B 471 2.18 32.84 -4.33
N PRO B 472 1.17 32.66 -5.17
CA PRO B 472 0.98 33.58 -6.28
C PRO B 472 0.24 34.82 -5.86
N VAL B 473 -0.34 34.78 -4.67
CA VAL B 473 -1.35 35.65 -4.08
C VAL B 473 -1.05 35.65 -2.58
N PRO B 474 -1.18 36.79 -1.85
CA PRO B 474 -0.94 36.80 -0.44
C PRO B 474 -1.99 35.99 0.31
N HIS B 475 -1.55 35.29 1.33
CA HIS B 475 -2.46 34.49 2.17
C HIS B 475 -2.26 34.89 3.63
N ASP B 476 -3.31 35.45 4.22
CA ASP B 476 -3.33 35.89 5.63
C ASP B 476 -3.59 34.65 6.46
N GLU B 477 -3.69 34.82 7.78
CA GLU B 477 -3.92 33.66 8.67
C GLU B 477 -5.41 33.48 8.83
N THR B 478 -6.15 33.71 7.75
CA THR B 478 -7.58 33.34 7.68
C THR B 478 -7.64 32.03 6.92
N TYR B 479 -6.48 31.63 6.42
CA TYR B 479 -6.30 30.47 5.55
C TYR B 479 -5.63 29.38 6.38
N CYS B 480 -5.86 28.11 6.05
CA CYS B 480 -5.00 26.99 6.53
C CYS B 480 -4.63 26.19 5.29
N ASP B 481 -3.68 26.71 4.51
CA ASP B 481 -3.31 26.03 3.28
C ASP B 481 -2.70 24.64 3.46
N PRO B 482 -1.89 24.34 4.49
CA PRO B 482 -1.55 22.93 4.73
C PRO B 482 -2.76 22.01 4.72
N ALA B 483 -3.83 22.40 5.40
CA ALA B 483 -4.98 21.51 5.44
C ALA B 483 -5.76 21.41 4.13
N ALA B 484 -5.36 22.14 3.09
CA ALA B 484 -5.90 21.98 1.75
C ALA B 484 -5.32 20.77 1.02
N LEU B 485 -4.52 19.94 1.69
CA LEU B 485 -4.01 18.72 1.08
C LEU B 485 -4.64 17.56 1.83
N PHE B 486 -5.24 16.62 1.09
CA PHE B 486 -5.77 15.39 1.70
C PHE B 486 -5.12 14.96 3.00
N HIS B 487 -3.85 14.57 2.96
CA HIS B 487 -3.23 13.94 4.12
C HIS B 487 -3.34 14.79 5.38
N VAL B 488 -3.42 16.11 5.24
CA VAL B 488 -3.41 16.94 6.43
C VAL B 488 -4.82 17.01 7.02
N ALA B 489 -5.79 17.25 6.16
CA ALA B 489 -7.18 17.27 6.60
C ALA B 489 -7.65 15.88 7.02
N ASN B 490 -7.04 14.82 6.50
CA ASN B 490 -7.44 13.49 6.95
C ASN B 490 -6.42 12.88 7.89
N ASP B 491 -5.57 13.72 8.52
CA ASP B 491 -4.94 13.34 9.77
C ASP B 491 -3.96 12.18 9.59
N TYR B 492 -3.10 12.30 8.58
CA TYR B 492 -2.19 11.22 8.20
C TYR B 492 -0.77 11.71 8.31
N SER B 493 0.11 10.91 8.92
CA SER B 493 1.51 11.30 8.96
C SER B 493 2.03 11.40 7.52
N PHE B 494 2.83 12.41 7.25
CA PHE B 494 3.26 12.55 5.86
C PHE B 494 4.71 12.13 5.64
N ILE B 495 5.54 12.07 6.70
CA ILE B 495 6.96 11.83 6.52
C ILE B 495 7.23 10.48 5.85
N ARG B 496 6.22 9.62 5.76
CA ARG B 496 6.38 8.29 5.15
C ARG B 496 6.83 8.44 3.72
N TYR B 497 6.58 9.59 3.11
CA TYR B 497 6.64 9.72 1.64
C TYR B 497 8.02 10.25 1.30
N TYR B 498 8.77 10.53 2.35
CA TYR B 498 10.19 10.91 2.29
C TYR B 498 11.05 9.67 2.53
N THR B 499 10.76 8.94 3.61
CA THR B 499 11.53 7.74 4.00
C THR B 499 11.38 6.69 2.92
N ARG B 500 10.17 6.52 2.41
CA ARG B 500 9.94 5.64 1.26
C ARG B 500 10.98 5.90 0.17
N THR B 501 11.36 7.15 -0.06
CA THR B 501 12.04 7.53 -1.31
C THR B 501 13.53 7.23 -1.18
N ILE B 502 14.06 7.35 0.03
CA ILE B 502 15.50 7.03 0.25
C ILE B 502 15.62 5.51 0.26
N TYR B 503 14.60 4.82 0.77
CA TYR B 503 14.65 3.35 0.87
C TYR B 503 14.51 2.72 -0.51
N GLN B 504 13.63 3.25 -1.35
CA GLN B 504 13.21 2.52 -2.55
C GLN B 504 14.41 2.29 -3.45
N PHE B 505 15.49 3.00 -3.21
CA PHE B 505 16.67 2.79 -4.09
C PHE B 505 17.63 1.88 -3.35
N GLN B 506 17.70 2.02 -2.04
CA GLN B 506 18.50 1.11 -1.20
C GLN B 506 18.06 -0.30 -1.57
N PHE B 507 16.76 -0.53 -1.54
CA PHE B 507 16.16 -1.85 -1.75
C PHE B 507 16.42 -2.27 -3.20
N GLN B 508 16.16 -1.37 -4.13
CA GLN B 508 16.34 -1.72 -5.54
C GLN B 508 17.79 -2.15 -5.81
N GLU B 509 18.77 -1.39 -5.29
CA GLU B 509 20.17 -1.83 -5.38
C GLU B 509 20.31 -3.30 -4.99
N ALA B 510 19.92 -3.60 -3.75
CA ALA B 510 19.97 -4.96 -3.25
C ALA B 510 19.37 -5.93 -4.26
N LEU B 511 18.09 -5.73 -4.62
CA LEU B 511 17.46 -6.75 -5.44
C LEU B 511 18.18 -6.90 -6.78
N CYS B 512 18.69 -5.80 -7.33
CA CYS B 512 19.35 -5.88 -8.62
C CYS B 512 20.65 -6.67 -8.53
N GLN B 513 21.40 -6.51 -7.43
CA GLN B 513 22.57 -7.36 -7.26
C GLN B 513 22.18 -8.82 -7.12
N THR B 514 21.02 -9.07 -6.54
CA THR B 514 20.52 -10.42 -6.46
C THR B 514 19.90 -10.87 -7.78
N ALA B 515 19.47 -9.92 -8.60
CA ALA B 515 19.05 -10.16 -9.97
C ALA B 515 20.21 -10.17 -10.93
N LYS B 516 21.45 -10.14 -10.41
CA LYS B 516 22.66 -10.22 -11.22
C LYS B 516 22.57 -9.29 -12.43
N HIS B 517 21.98 -8.13 -12.23
CA HIS B 517 22.02 -7.01 -13.16
C HIS B 517 23.35 -6.28 -13.09
N GLU B 518 24.05 -6.14 -14.23
CA GLU B 518 25.18 -5.21 -14.29
C GLU B 518 24.78 -3.89 -14.95
N GLY B 519 25.60 -2.89 -14.71
CA GLY B 519 25.36 -1.59 -15.27
C GLY B 519 24.41 -0.72 -14.45
N PRO B 520 24.12 0.46 -14.97
CA PRO B 520 23.39 1.48 -14.20
C PRO B 520 22.12 0.92 -13.59
N LEU B 521 21.88 1.26 -12.32
CA LEU B 521 20.66 0.74 -11.73
C LEU B 521 19.41 1.39 -12.27
N HIS B 522 19.48 2.55 -12.92
CA HIS B 522 18.23 3.02 -13.48
C HIS B 522 17.82 2.18 -14.69
N LYS B 523 18.67 1.22 -15.09
CA LYS B 523 18.34 0.25 -16.12
C LYS B 523 18.09 -1.10 -15.51
N CYS B 524 17.71 -1.14 -14.24
CA CYS B 524 17.35 -2.40 -13.62
C CYS B 524 15.85 -2.63 -13.79
N ASP B 525 15.48 -3.82 -14.27
CA ASP B 525 14.07 -4.21 -14.27
C ASP B 525 14.02 -5.61 -13.67
N ILE B 526 13.94 -5.71 -12.34
CA ILE B 526 14.02 -6.99 -11.64
C ILE B 526 13.01 -7.98 -12.18
N SER B 527 12.18 -7.55 -13.13
CA SER B 527 11.22 -8.41 -13.80
C SER B 527 11.90 -9.72 -14.23
N ASN B 528 11.16 -10.82 -14.15
CA ASN B 528 11.66 -12.17 -14.48
C ASN B 528 12.81 -12.64 -13.59
N SER B 529 13.03 -12.05 -12.42
CA SER B 529 14.11 -12.48 -11.53
C SER B 529 13.47 -13.06 -10.28
N THR B 530 13.13 -14.36 -10.36
CA THR B 530 12.54 -15.07 -9.22
C THR B 530 13.43 -15.04 -8.00
N GLU B 531 14.75 -14.95 -8.19
CA GLU B 531 15.62 -14.94 -7.03
C GLU B 531 15.47 -13.63 -6.23
N ALA B 532 15.44 -12.49 -6.94
CA ALA B 532 15.13 -11.20 -6.30
C ALA B 532 13.72 -11.20 -5.71
N GLY B 533 12.77 -11.85 -6.38
CA GLY B 533 11.47 -12.05 -5.77
C GLY B 533 11.57 -12.69 -4.39
N GLN B 534 12.28 -13.80 -4.29
CA GLN B 534 12.44 -14.45 -2.99
C GLN B 534 13.03 -13.49 -1.97
N LYS B 535 14.14 -12.82 -2.32
CA LYS B 535 14.78 -11.93 -1.36
C LYS B 535 13.78 -10.91 -0.83
N LEU B 536 12.96 -10.36 -1.70
CA LEU B 536 11.99 -9.36 -1.25
C LEU B 536 10.92 -9.98 -0.36
N LEU B 537 10.38 -11.10 -0.81
CA LEU B 537 9.34 -11.79 -0.08
C LEU B 537 9.79 -12.14 1.33
N GLN B 538 11.09 -12.38 1.49
CA GLN B 538 11.63 -12.71 2.79
C GLN B 538 11.52 -11.56 3.75
N MET B 539 11.63 -10.32 3.29
CA MET B 539 11.32 -9.27 4.25
C MET B 539 9.83 -9.10 4.43
N LEU B 540 9.12 -8.91 3.31
CA LEU B 540 7.68 -8.80 3.32
C LEU B 540 7.01 -9.64 4.42
N SER B 541 7.29 -10.92 4.42
CA SER B 541 6.62 -11.83 5.33
C SER B 541 7.06 -11.68 6.78
N LEU B 542 8.10 -10.90 7.09
CA LEU B 542 8.39 -10.66 8.50
C LEU B 542 7.37 -9.73 9.14
N GLY B 543 6.73 -8.86 8.35
CA GLY B 543 5.84 -7.88 8.92
C GLY B 543 6.58 -6.98 9.88
N LYS B 544 5.96 -6.76 11.04
CA LYS B 544 6.52 -5.97 12.12
C LYS B 544 7.21 -6.86 13.16
N SER B 545 7.47 -8.11 12.83
CA SER B 545 8.00 -8.98 13.89
C SER B 545 9.41 -8.56 14.31
N GLU B 546 10.09 -7.77 13.49
CA GLU B 546 11.40 -7.28 13.83
C GLU B 546 11.48 -5.78 13.67
N PRO B 547 12.33 -5.11 14.45
CA PRO B 547 12.69 -3.73 14.17
C PRO B 547 12.88 -3.41 12.71
N TRP B 548 12.56 -2.17 12.33
CA TRP B 548 12.79 -1.77 10.96
C TRP B 548 14.28 -1.69 10.62
N THR B 549 15.13 -1.38 11.62
CA THR B 549 16.58 -1.41 11.45
C THR B 549 17.07 -2.80 11.11
N LEU B 550 16.59 -3.80 11.85
CA LEU B 550 17.03 -5.15 11.55
C LEU B 550 16.55 -5.55 10.16
N ALA B 551 15.34 -5.12 9.81
CA ALA B 551 14.77 -5.48 8.54
C ALA B 551 15.49 -4.81 7.38
N LEU B 552 16.02 -3.58 7.55
CA LEU B 552 17.00 -3.13 6.55
C LEU B 552 18.21 -4.04 6.49
N GLU B 553 18.86 -4.36 7.62
CA GLU B 553 20.06 -5.17 7.40
C GLU B 553 19.80 -6.43 6.58
N ARG B 554 18.66 -7.08 6.76
CA ARG B 554 18.45 -8.30 6.00
C ARG B 554 18.59 -8.06 4.49
N ILE B 555 17.80 -7.14 3.91
CA ILE B 555 17.85 -6.99 2.46
C ILE B 555 19.01 -6.09 2.02
N VAL B 556 19.10 -4.90 2.59
CA VAL B 556 20.16 -3.96 2.25
C VAL B 556 21.30 -4.09 3.27
N GLY B 557 22.47 -3.56 2.96
CA GLY B 557 23.61 -3.74 3.86
C GLY B 557 23.42 -3.10 5.23
N VAL B 558 22.92 -1.87 5.25
CA VAL B 558 22.92 -0.95 6.39
C VAL B 558 21.73 -1.20 7.31
N LYS B 559 21.69 -0.53 8.47
CA LYS B 559 20.53 -0.50 9.36
C LYS B 559 20.01 0.94 9.54
N ASN B 560 20.08 1.73 8.47
CA ASN B 560 19.56 3.09 8.48
C ASN B 560 19.50 3.60 7.05
N MET B 561 18.71 4.67 6.87
CA MET B 561 18.56 5.33 5.58
C MET B 561 19.90 5.68 4.96
N ASP B 562 20.01 5.46 3.65
CA ASP B 562 21.25 5.79 2.95
C ASP B 562 20.90 6.41 1.61
N VAL B 563 21.28 7.67 1.42
CA VAL B 563 20.82 8.37 0.22
C VAL B 563 21.65 7.99 -0.99
N ARG B 564 22.63 7.07 -0.85
CA ARG B 564 23.58 6.85 -1.94
C ARG B 564 22.97 6.18 -3.16
N PRO B 565 22.20 5.09 -3.03
CA PRO B 565 21.58 4.55 -4.26
C PRO B 565 20.72 5.57 -4.98
N LEU B 566 20.08 6.48 -4.26
CA LEU B 566 19.30 7.51 -4.94
C LEU B 566 20.22 8.45 -5.70
N LEU B 567 21.33 8.87 -5.10
CA LEU B 567 22.22 9.72 -5.88
C LEU B 567 22.77 8.99 -7.09
N ASN B 568 22.95 7.67 -7.01
CA ASN B 568 23.57 6.99 -8.15
C ASN B 568 22.56 6.76 -9.24
N TYR B 569 21.33 6.46 -8.86
CA TYR B 569 20.29 6.33 -9.85
C TYR B 569 20.31 7.55 -10.76
N PHE B 570 20.37 8.75 -10.17
CA PHE B 570 20.20 10.03 -10.84
C PHE B 570 21.51 10.70 -11.27
N GLU B 571 22.63 10.00 -11.22
CA GLU B 571 23.90 10.65 -11.53
C GLU B 571 24.00 11.10 -12.99
N PRO B 572 23.67 10.28 -13.98
CA PRO B 572 23.53 10.79 -15.34
C PRO B 572 22.83 12.15 -15.42
N LEU B 573 21.58 12.16 -14.93
CA LEU B 573 20.80 13.39 -14.92
C LEU B 573 21.51 14.50 -14.17
N PHE B 574 22.22 14.17 -13.09
CA PHE B 574 22.86 15.21 -12.34
C PHE B 574 23.87 15.94 -13.22
N THR B 575 24.54 15.21 -14.08
CA THR B 575 25.66 15.78 -14.85
C THR B 575 25.10 16.59 -16.03
N TRP B 576 24.07 16.08 -16.69
CA TRP B 576 23.40 16.79 -17.80
C TRP B 576 22.81 18.08 -17.24
N LEU B 577 22.09 18.02 -16.13
CA LEU B 577 21.53 19.27 -15.57
C LEU B 577 22.69 20.21 -15.30
N LYS B 578 23.78 19.74 -14.71
CA LYS B 578 24.77 20.70 -14.22
C LYS B 578 25.37 21.45 -15.40
N ASP B 579 25.55 20.76 -16.52
CA ASP B 579 25.89 21.42 -17.79
C ASP B 579 24.77 22.36 -18.27
N GLN B 580 23.62 21.79 -18.61
CA GLN B 580 22.40 22.53 -18.90
C GLN B 580 22.05 23.68 -17.96
N ASN B 581 22.87 24.02 -17.00
CA ASN B 581 22.54 25.08 -16.07
C ASN B 581 23.63 26.11 -15.87
N LYS B 582 24.80 25.88 -16.46
CA LYS B 582 25.99 26.72 -16.19
C LYS B 582 25.68 28.19 -16.44
N ASN B 583 25.00 28.48 -17.54
CA ASN B 583 24.72 29.87 -17.81
C ASN B 583 23.37 30.29 -17.25
N SER B 584 22.96 29.66 -16.15
CA SER B 584 21.69 29.90 -15.51
C SER B 584 21.97 30.22 -14.06
N PHE B 585 20.94 30.64 -13.35
CA PHE B 585 21.07 31.03 -11.95
C PHE B 585 20.45 29.96 -11.08
N VAL B 586 21.29 29.06 -10.56
CA VAL B 586 20.80 27.88 -9.85
C VAL B 586 20.65 28.22 -8.38
N GLY B 587 19.49 27.86 -7.80
CA GLY B 587 19.03 28.43 -6.55
C GLY B 587 17.98 29.51 -6.76
N TRP B 588 17.34 29.93 -5.68
CA TRP B 588 16.25 30.90 -5.79
C TRP B 588 16.43 32.01 -4.79
N SER B 589 15.60 33.04 -4.95
CA SER B 589 15.49 34.14 -3.99
C SER B 589 14.10 34.14 -3.36
N THR B 590 14.04 34.11 -2.01
CA THR B 590 12.78 34.07 -1.29
C THR B 590 12.05 35.41 -1.29
N ASN B 591 12.49 36.37 -2.10
CA ASN B 591 12.05 37.74 -2.03
C ASN B 591 11.05 38.10 -3.13
N TRP B 592 11.35 37.71 -4.36
CA TRP B 592 10.43 37.96 -5.47
C TRP B 592 9.12 37.22 -5.23
N SER B 593 8.03 37.80 -5.71
CA SER B 593 6.77 37.07 -5.75
C SER B 593 5.91 37.67 -6.85
N PRO B 594 4.95 36.91 -7.38
CA PRO B 594 4.18 37.38 -8.54
C PRO B 594 3.25 38.56 -8.24
N TYR B 595 3.32 39.15 -7.05
CA TYR B 595 2.39 40.19 -6.66
C TYR B 595 3.09 41.36 -5.91
C1 NAG C . -3.99 -17.43 -9.68
C2 NAG C . -5.35 -17.39 -10.37
C3 NAG C . -6.02 -18.75 -10.30
C4 NAG C . -5.10 -19.81 -10.90
C5 NAG C . -3.76 -19.77 -10.18
C6 NAG C . -2.75 -20.74 -10.77
C7 NAG C . -6.63 -15.33 -10.30
C8 NAG C . -8.11 -15.14 -10.30
N2 NAG C . -6.20 -16.44 -9.70
O3 NAG C . -7.23 -18.73 -11.07
O4 NAG C . -5.69 -21.11 -10.73
O5 NAG C . -3.20 -18.46 -10.25
O6 NAG C . -1.65 -20.72 -9.85
O7 NAG C . -5.86 -14.52 -10.80
C1 FUC C . -0.39 -20.70 -10.56
C2 FUC C . 0.39 -19.45 -10.13
C3 FUC C . 0.60 -19.47 -8.62
C4 FUC C . 1.37 -20.72 -8.26
C5 FUC C . 0.57 -21.92 -8.76
C6 FUC C . 1.26 -23.23 -8.41
O2 FUC C . -0.29 -18.26 -10.52
O3 FUC C . 1.32 -18.30 -8.22
O4 FUC C . 2.66 -20.71 -8.88
O5 FUC C . 0.37 -21.85 -10.17
C1 NAG D . 7.37 -17.73 22.09
C2 NAG D . 8.23 -18.85 21.54
C3 NAG D . 7.58 -19.43 20.28
C4 NAG D . 6.14 -19.87 20.58
C5 NAG D . 5.37 -18.69 21.16
C6 NAG D . 3.96 -19.02 21.60
C7 NAG D . 9.99 -17.27 20.71
C8 NAG D . 11.04 -16.53 21.48
N2 NAG D . 9.60 -18.43 21.25
O3 NAG D . 8.39 -20.51 19.81
O4 NAG D . 5.50 -20.35 19.38
O5 NAG D . 6.04 -18.18 22.30
O6 NAG D . 3.32 -17.82 22.05
O7 NAG D . 9.56 -16.84 19.65
C1 NAG D . 5.31 -21.77 19.46
C2 NAG D . 4.07 -22.16 18.66
C3 NAG D . 3.89 -23.68 18.63
C4 NAG D . 5.17 -24.34 18.14
C5 NAG D . 6.37 -23.88 18.96
C6 NAG D . 7.68 -24.42 18.39
C7 NAG D . 2.14 -21.88 20.22
C8 NAG D . 0.66 -21.88 19.98
N2 NAG D . 2.88 -21.51 19.18
O3 NAG D . 2.82 -24.02 17.74
O4 NAG D . 5.00 -25.76 18.25
O5 NAG D . 6.46 -22.47 18.97
O6 NAG D . 7.75 -25.84 18.52
O7 NAG D . 2.58 -22.19 21.32
C1 NAG E . -25.43 1.43 -1.26
C2 NAG E . -25.84 0.04 -1.76
C3 NAG E . -27.34 -0.05 -1.70
C4 NAG E . -27.82 0.20 -0.30
C5 NAG E . -27.35 1.59 0.15
C6 NAG E . -27.70 1.86 1.59
C7 NAG E . -24.51 -1.02 -3.45
C8 NAG E . -24.50 -1.45 -4.89
N2 NAG E . -25.44 -0.13 -3.13
O3 NAG E . -27.73 -1.37 -2.07
O4 NAG E . -29.25 0.10 -0.23
O5 NAG E . -25.94 1.62 0.04
O6 NAG E . -27.05 3.07 1.97
O7 NAG E . -23.71 -1.44 -2.65
#